data_6F36
#
_entry.id   6F36
#
_cell.length_a   1.00
_cell.length_b   1.00
_cell.length_c   1.00
_cell.angle_alpha   90.00
_cell.angle_beta   90.00
_cell.angle_gamma   90.00
#
_symmetry.space_group_name_H-M   'P 1'
#
loop_
_entity.id
_entity.type
_entity.pdbx_description
1 polymer 'Mitochondrial ATP synthase subunit c'
2 polymer 'Mitochondrial ATP synthase subunit 6'
3 polymer 'Mitochondrial ATP synthase subunit ASA6'
#
loop_
_entity_poly.entity_id
_entity_poly.type
_entity_poly.pdbx_seq_one_letter_code
_entity_poly.pdbx_strand_id
1 'polypeptide(L)'
;MSVQRLSLGAARCLSAGVARVQASQALVAQKAVAVAPTRAQAAPAEVAQVRSMSVLAASKMVGAGCATIALAGVGAGLGV
MFGSLINGAARNPNIAKQLVGYALLGFALTESIALFSLLVVFLILFA
;
A,B,C,D,E,F,G,H,I,J
2 'polypeptide(L)'
;MSVLSSVSMGSRIGSSLLGRSSAYLAQCGFSTRSNLNGSIDTSSSVFQALSSDNENKPAASPLNVKLPGMSCSSILLPKT
SRIAVPFGNQTMAMSSVRDVKTGSLPTNFLTGVYRFWRSQNPAEKPHDPVNDRLLPAVVDASDKRASIGTWATTFFCTII
SCNLLGLMPFNEAPTSGLGFATGLGVSVWATATILGLSKTGFKFPGHFIPGGTPWPMAFIFVPLETISYTFRAVSLGVRL
WVNMLAGHTLLHILTGMALALPFSLGFFSMVPATFGVCCLLSALVGLEYLVAVLQSGVFSILSTVYVGEFNHDKFIGPAA
KIVKKIH
;
M
3 'polypeptide(L)'
;MMLRTLTRSSAVAGQAVRLFKTSAAAAEGNSVAGIIKSVNETSGANLLSSLKTIKAQAAPIYPAAASSTGYSTQAKIALF
GALSWILYRADGQSKAHEWIVDLNLNVLQAAWLISFSSLIPFRAVYFAFRGMAPATASTLNGLKTFSSISL
;
N
#
# COMPACT_ATOMS: atom_id res chain seq x y z
N SER A 54 32.44 -10.76 -12.71
CA SER A 54 31.23 -11.40 -12.21
C SER A 54 30.06 -10.43 -12.18
N VAL A 55 29.56 -10.10 -13.37
CA VAL A 55 28.43 -9.17 -13.46
C VAL A 55 27.13 -9.94 -13.22
N LEU A 56 27.17 -11.28 -13.37
CA LEU A 56 26.02 -12.14 -13.07
C LEU A 56 25.59 -12.03 -11.62
N ALA A 57 26.52 -12.17 -10.68
CA ALA A 57 26.20 -11.99 -9.27
C ALA A 57 26.25 -10.53 -8.86
N ALA A 58 26.61 -9.64 -9.78
CA ALA A 58 26.57 -8.22 -9.48
C ALA A 58 25.26 -7.58 -9.89
N SER A 59 24.83 -7.78 -11.13
CA SER A 59 23.65 -7.10 -11.64
C SER A 59 22.35 -7.61 -11.05
N LYS A 60 22.35 -8.76 -10.39
CA LYS A 60 21.15 -9.19 -9.68
C LYS A 60 20.94 -8.43 -8.39
N MET A 61 21.95 -7.70 -7.93
CA MET A 61 21.80 -6.91 -6.72
C MET A 61 21.08 -5.60 -6.99
N VAL A 62 21.17 -5.10 -8.23
CA VAL A 62 20.42 -3.91 -8.60
C VAL A 62 18.94 -4.23 -8.76
N GLY A 63 18.65 -5.32 -9.48
CA GLY A 63 17.27 -5.73 -9.64
C GLY A 63 16.69 -6.35 -8.38
N ALA A 64 17.54 -6.64 -7.40
CA ALA A 64 17.06 -7.02 -6.08
C ALA A 64 16.28 -5.91 -5.43
N GLY A 65 16.84 -4.70 -5.42
CA GLY A 65 16.16 -3.59 -4.80
C GLY A 65 15.00 -3.09 -5.62
N CYS A 66 15.14 -3.12 -6.94
CA CYS A 66 14.06 -2.72 -7.83
C CYS A 66 12.87 -3.66 -7.76
N ALA A 67 13.08 -4.92 -7.37
CA ALA A 67 11.97 -5.85 -7.25
C ALA A 67 11.05 -5.53 -6.09
N THR A 68 11.56 -4.90 -5.04
CA THR A 68 10.77 -4.66 -3.84
C THR A 68 9.94 -3.41 -3.92
N ILE A 69 9.99 -2.67 -5.03
CA ILE A 69 9.16 -1.48 -5.18
C ILE A 69 7.70 -1.86 -5.40
N ALA A 70 7.43 -3.13 -5.72
CA ALA A 70 6.07 -3.65 -5.68
C ALA A 70 5.46 -3.54 -4.29
N LEU A 71 6.28 -3.61 -3.25
CA LEU A 71 5.83 -3.46 -1.88
C LEU A 71 5.60 -2.01 -1.47
N ALA A 72 5.72 -1.05 -2.40
CA ALA A 72 5.23 0.29 -2.13
C ALA A 72 3.72 0.28 -2.11
N GLY A 73 3.13 -0.04 -3.26
CA GLY A 73 1.68 0.02 -3.39
C GLY A 73 0.94 -1.05 -2.62
N VAL A 74 1.64 -2.12 -2.23
CA VAL A 74 1.06 -3.04 -1.27
C VAL A 74 0.87 -2.34 0.07
N GLY A 75 1.85 -1.54 0.47
CA GLY A 75 1.69 -0.72 1.66
C GLY A 75 0.60 0.32 1.49
N ALA A 76 0.53 0.95 0.32
CA ALA A 76 -0.55 1.89 0.05
C ALA A 76 -1.88 1.18 -0.15
N GLY A 77 -1.84 -0.09 -0.53
CA GLY A 77 -3.07 -0.84 -0.71
C GLY A 77 -3.74 -1.16 0.61
N LEU A 78 -3.00 -1.74 1.54
CA LEU A 78 -3.61 -2.02 2.83
C LEU A 78 -3.60 -0.84 3.78
N GLY A 79 -3.42 0.38 3.27
CA GLY A 79 -3.72 1.56 4.04
C GLY A 79 -5.16 2.01 3.85
N VAL A 80 -5.56 2.23 2.60
CA VAL A 80 -6.96 2.52 2.27
C VAL A 80 -7.84 1.34 2.60
N MET A 81 -7.31 0.12 2.54
CA MET A 81 -8.07 -1.05 2.94
C MET A 81 -8.35 -1.03 4.43
N PHE A 82 -7.37 -0.60 5.21
CA PHE A 82 -7.57 -0.43 6.64
C PHE A 82 -7.99 0.99 7.00
N GLY A 83 -8.06 1.90 6.03
CA GLY A 83 -8.71 3.17 6.29
C GLY A 83 -10.21 3.02 6.33
N SER A 84 -10.77 2.40 5.30
CA SER A 84 -12.21 2.19 5.23
C SER A 84 -12.72 1.16 6.23
N LEU A 85 -11.82 0.40 6.86
CA LEU A 85 -12.21 -0.35 8.06
C LEU A 85 -12.67 0.60 9.15
N ILE A 86 -11.99 1.74 9.28
CA ILE A 86 -12.33 2.66 10.36
C ILE A 86 -13.57 3.45 10.00
N ASN A 87 -13.69 3.86 8.73
CA ASN A 87 -14.90 4.52 8.28
C ASN A 87 -16.04 3.52 8.18
N GLY A 88 -15.72 2.24 8.02
CA GLY A 88 -16.75 1.21 8.04
C GLY A 88 -17.33 0.97 9.43
N ALA A 89 -16.50 1.06 10.45
CA ALA A 89 -17.00 0.97 11.82
C ALA A 89 -17.62 2.28 12.28
N ALA A 90 -17.47 3.35 11.50
CA ALA A 90 -18.09 4.61 11.86
C ALA A 90 -19.60 4.60 11.63
N ARG A 91 -20.06 3.85 10.65
CA ARG A 91 -21.48 3.88 10.31
C ARG A 91 -22.30 3.03 11.26
N ASN A 92 -21.77 1.89 11.69
CA ASN A 92 -22.50 0.97 12.55
C ASN A 92 -21.54 0.10 13.34
N PRO A 93 -21.02 0.62 14.45
CA PRO A 93 -20.16 -0.19 15.33
C PRO A 93 -20.92 -1.20 16.18
N ASN A 94 -22.25 -1.25 16.04
CA ASN A 94 -23.04 -2.29 16.70
C ASN A 94 -22.70 -3.66 16.14
N ILE A 95 -22.53 -3.76 14.82
CA ILE A 95 -22.01 -4.95 14.18
C ILE A 95 -20.81 -4.53 13.33
N ALA A 96 -19.61 -4.80 13.86
CA ALA A 96 -18.38 -4.56 13.16
C ALA A 96 -17.40 -5.71 13.25
N LYS A 97 -17.72 -6.76 14.01
CA LYS A 97 -16.89 -7.96 13.99
C LYS A 97 -17.00 -8.70 12.67
N GLN A 98 -18.11 -8.53 11.94
CA GLN A 98 -18.18 -9.04 10.58
C GLN A 98 -17.25 -8.28 9.67
N LEU A 99 -17.12 -6.97 9.88
CA LEU A 99 -16.30 -6.13 9.01
C LEU A 99 -14.82 -6.40 9.25
N VAL A 100 -14.42 -6.55 10.50
CA VAL A 100 -13.05 -6.97 10.79
C VAL A 100 -12.87 -8.43 10.38
N GLY A 101 -13.94 -9.22 10.48
CA GLY A 101 -13.91 -10.56 9.91
C GLY A 101 -13.84 -10.57 8.40
N TYR A 102 -14.22 -9.46 7.76
CA TYR A 102 -13.93 -9.27 6.35
C TYR A 102 -12.61 -8.54 6.13
N ALA A 103 -12.09 -7.85 7.15
CA ALA A 103 -10.84 -7.12 6.98
C ALA A 103 -9.64 -8.06 7.02
N LEU A 104 -9.71 -9.11 7.83
CA LEU A 104 -8.64 -10.09 7.81
C LEU A 104 -8.70 -10.99 6.60
N LEU A 105 -9.83 -11.01 5.88
CA LEU A 105 -9.87 -11.67 4.58
C LEU A 105 -9.02 -10.92 3.59
N GLY A 106 -9.24 -9.60 3.46
CA GLY A 106 -8.55 -8.83 2.45
C GLY A 106 -7.10 -8.58 2.73
N PHE A 107 -6.71 -8.55 4.00
CA PHE A 107 -5.29 -8.46 4.33
C PHE A 107 -4.55 -9.72 3.95
N ALA A 108 -5.19 -10.87 4.13
CA ALA A 108 -4.59 -12.13 3.74
C ALA A 108 -4.45 -12.23 2.23
N LEU A 109 -5.36 -11.62 1.49
CA LEU A 109 -5.23 -11.59 0.04
C LEU A 109 -4.37 -10.43 -0.44
N THR A 110 -4.03 -9.50 0.45
CA THR A 110 -3.05 -8.47 0.11
C THR A 110 -1.63 -8.95 0.40
N GLU A 111 -1.46 -9.78 1.44
CA GLU A 111 -0.20 -10.48 1.64
C GLU A 111 0.05 -11.54 0.59
N SER A 112 -0.99 -11.95 -0.15
CA SER A 112 -0.83 -12.71 -1.38
C SER A 112 -0.46 -11.84 -2.57
N ILE A 113 -0.13 -10.57 -2.33
CA ILE A 113 0.65 -9.76 -3.25
C ILE A 113 2.02 -9.43 -2.68
N ALA A 114 2.08 -9.20 -1.35
CA ALA A 114 3.34 -8.88 -0.68
C ALA A 114 4.33 -10.03 -0.75
N LEU A 115 3.91 -11.22 -0.34
CA LEU A 115 4.74 -12.41 -0.50
C LEU A 115 4.86 -12.82 -1.97
N PHE A 116 3.89 -12.44 -2.79
CA PHE A 116 3.89 -12.78 -4.21
C PHE A 116 4.94 -11.98 -4.97
N SER A 117 5.41 -10.87 -4.41
CA SER A 117 6.54 -10.13 -4.93
C SER A 117 7.85 -10.52 -4.27
N LEU A 118 7.82 -10.87 -2.98
CA LEU A 118 9.00 -11.40 -2.31
C LEU A 118 9.27 -12.86 -2.65
N LEU A 119 8.38 -13.50 -3.39
CA LEU A 119 8.74 -14.75 -4.05
C LEU A 119 9.79 -14.50 -5.11
N VAL A 120 9.77 -13.34 -5.75
CA VAL A 120 10.72 -13.06 -6.82
C VAL A 120 12.06 -12.61 -6.26
N VAL A 121 12.06 -11.88 -5.14
CA VAL A 121 13.28 -11.29 -4.59
C VAL A 121 14.24 -12.38 -4.12
N PHE A 122 13.74 -13.36 -3.39
CA PHE A 122 14.58 -14.48 -3.01
C PHE A 122 14.87 -15.42 -4.16
N LEU A 123 14.05 -15.40 -5.21
CA LEU A 123 14.37 -16.15 -6.41
C LEU A 123 15.54 -15.51 -7.15
N ILE A 124 15.68 -14.20 -7.03
CA ILE A 124 16.84 -13.53 -7.61
C ILE A 124 18.08 -13.73 -6.73
N LEU A 125 17.93 -13.59 -5.42
CA LEU A 125 19.06 -13.74 -4.52
C LEU A 125 19.45 -15.20 -4.36
N PHE A 126 18.55 -16.01 -3.80
CA PHE A 126 18.90 -17.37 -3.42
C PHE A 126 18.24 -18.38 -4.34
N SER B 54 35.57 -4.64 -7.77
CA SER B 54 34.58 -5.11 -6.80
C SER B 54 33.22 -4.49 -7.08
N VAL B 55 32.58 -4.95 -8.16
CA VAL B 55 31.27 -4.44 -8.51
C VAL B 55 30.20 -5.15 -7.68
N LEU B 56 30.54 -6.32 -7.12
CA LEU B 56 29.66 -7.06 -6.22
C LEU B 56 29.29 -6.26 -4.99
N ALA B 57 30.28 -5.71 -4.30
CA ALA B 57 30.01 -4.85 -3.16
C ALA B 57 29.73 -3.41 -3.58
N ALA B 58 29.82 -3.12 -4.88
CA ALA B 58 29.45 -1.80 -5.35
C ALA B 58 28.01 -1.72 -5.79
N SER B 59 27.56 -2.63 -6.65
CA SER B 59 26.23 -2.55 -7.24
C SER B 59 25.12 -2.86 -6.25
N LYS B 60 25.44 -3.45 -5.09
CA LYS B 60 24.42 -3.62 -4.07
C LYS B 60 24.10 -2.33 -3.34
N MET B 61 24.94 -1.31 -3.52
CA MET B 61 24.67 -0.03 -2.88
C MET B 61 23.65 0.78 -3.67
N VAL B 62 23.54 0.53 -4.97
CA VAL B 62 22.52 1.18 -5.78
C VAL B 62 21.15 0.57 -5.48
N GLY B 63 21.08 -0.76 -5.47
CA GLY B 63 19.83 -1.43 -5.15
C GLY B 63 19.49 -1.35 -3.67
N ALA B 64 20.44 -0.90 -2.86
CA ALA B 64 20.14 -0.58 -1.46
C ALA B 64 19.14 0.56 -1.37
N GLY B 65 19.41 1.65 -2.08
CA GLY B 65 18.51 2.79 -2.01
C GLY B 65 17.23 2.55 -2.76
N CYS B 66 17.30 1.83 -3.87
CA CYS B 66 16.10 1.49 -4.63
C CYS B 66 15.18 0.55 -3.88
N ALA B 67 15.70 -0.23 -2.94
CA ALA B 67 14.86 -1.12 -2.16
C ALA B 67 13.95 -0.38 -1.19
N THR B 68 14.35 0.80 -0.72
CA THR B 68 13.59 1.51 0.29
C THR B 68 12.49 2.36 -0.29
N ILE B 69 12.31 2.37 -1.61
CA ILE B 69 11.20 3.11 -2.21
C ILE B 69 9.87 2.44 -1.94
N ALA B 70 9.89 1.18 -1.49
CA ALA B 70 8.70 0.54 -0.95
C ALA B 70 8.16 1.28 0.26
N LEU B 71 9.03 1.94 1.02
CA LEU B 71 8.63 2.73 2.17
C LEU B 71 8.09 4.11 1.79
N ALA B 72 7.92 4.40 0.51
CA ALA B 72 7.15 5.57 0.12
C ALA B 72 5.68 5.31 0.40
N GLY B 73 5.12 4.32 -0.30
CA GLY B 73 3.69 4.05 -0.18
C GLY B 73 3.28 3.47 1.15
N VAL B 74 4.23 2.92 1.91
CA VAL B 74 3.93 2.59 3.31
C VAL B 74 3.66 3.86 4.09
N GLY B 75 4.45 4.91 3.83
CA GLY B 75 4.16 6.21 4.43
C GLY B 75 2.85 6.78 3.95
N ALA B 76 2.57 6.64 2.64
CA ALA B 76 1.28 7.09 2.13
C ALA B 76 0.15 6.17 2.56
N GLY B 77 0.46 4.92 2.89
CA GLY B 77 -0.57 4.00 3.35
C GLY B 77 -1.06 4.34 4.74
N LEU B 78 -0.15 4.51 5.69
CA LEU B 78 -0.61 4.87 7.02
C LEU B 78 -0.83 6.36 7.20
N GLY B 79 -0.97 7.11 6.11
CA GLY B 79 -1.50 8.45 6.19
C GLY B 79 -3.01 8.47 6.06
N VAL B 80 -3.52 7.90 4.96
CA VAL B 80 -4.96 7.73 4.78
C VAL B 80 -5.53 6.78 5.82
N MET B 81 -4.71 5.84 6.31
CA MET B 81 -5.15 4.96 7.39
C MET B 81 -5.35 5.75 8.67
N PHE B 82 -4.45 6.70 8.94
CA PHE B 82 -4.61 7.59 10.07
C PHE B 82 -5.35 8.86 9.71
N GLY B 83 -5.67 9.08 8.44
CA GLY B 83 -6.59 10.15 8.10
C GLY B 83 -8.01 9.79 8.48
N SER B 84 -8.46 8.63 8.04
CA SER B 84 -9.81 8.17 8.35
C SER B 84 -10.00 7.78 9.80
N LEU B 85 -8.92 7.65 10.57
CA LEU B 85 -9.05 7.63 12.03
C LEU B 85 -9.66 8.93 12.53
N ILE B 86 -9.27 10.05 11.94
CA ILE B 86 -9.76 11.33 12.41
C ILE B 86 -11.17 11.58 11.92
N ASN B 87 -11.44 11.21 10.66
CA ASN B 87 -12.80 11.29 10.16
C ASN B 87 -13.68 10.22 10.80
N GLY B 88 -13.07 9.14 11.28
CA GLY B 88 -13.83 8.14 12.00
C GLY B 88 -14.25 8.59 13.38
N ALA B 89 -13.41 9.36 14.05
CA ALA B 89 -13.80 9.95 15.33
C ALA B 89 -14.68 11.17 15.14
N ALA B 90 -14.85 11.65 13.91
CA ALA B 90 -15.73 12.78 13.67
C ALA B 90 -17.19 12.39 13.75
N ARG B 91 -17.51 11.15 13.40
CA ARG B 91 -18.92 10.75 13.34
C ARG B 91 -19.46 10.43 14.72
N ASN B 92 -18.65 9.82 15.58
CA ASN B 92 -19.09 9.41 16.91
C ASN B 92 -17.91 9.29 17.85
N PRO B 93 -17.47 10.41 18.43
CA PRO B 93 -16.39 10.37 19.42
C PRO B 93 -16.85 9.88 20.79
N ASN B 94 -18.12 9.53 20.94
CA ASN B 94 -18.61 8.91 22.16
C ASN B 94 -17.98 7.53 22.34
N ILE B 95 -17.87 6.77 21.26
CA ILE B 95 -17.12 5.53 21.26
C ILE B 95 -16.10 5.61 20.12
N ALA B 96 -14.85 5.87 20.49
CA ALA B 96 -13.75 5.91 19.55
C ALA B 96 -12.52 5.18 20.07
N LYS B 97 -12.54 4.67 21.30
CA LYS B 97 -11.46 3.83 21.76
C LYS B 97 -11.46 2.48 21.05
N GLN B 98 -12.61 2.03 20.56
CA GLN B 98 -12.64 0.86 19.70
C GLN B 98 -11.96 1.15 18.37
N LEU B 99 -12.14 2.36 17.86
CA LEU B 99 -11.59 2.71 16.55
C LEU B 99 -10.08 2.87 16.62
N VAL B 100 -9.58 3.50 17.67
CA VAL B 100 -8.14 3.55 17.90
C VAL B 100 -7.64 2.16 18.28
N GLY B 101 -8.48 1.37 18.96
CA GLY B 101 -8.18 -0.03 19.18
C GLY B 101 -8.17 -0.84 17.91
N TYR B 102 -8.85 -0.36 16.87
CA TYR B 102 -8.69 -0.91 15.53
C TYR B 102 -7.60 -0.21 14.73
N ALA B 103 -7.20 1.00 15.15
CA ALA B 103 -6.17 1.72 14.41
C ALA B 103 -4.78 1.18 14.71
N LEU B 104 -4.55 0.74 15.95
CA LEU B 104 -3.28 0.11 16.26
C LEU B 104 -3.21 -1.31 15.72
N LEU B 105 -4.33 -1.90 15.34
CA LEU B 105 -4.29 -3.15 14.59
C LEU B 105 -3.69 -2.95 13.21
N GLY B 106 -4.23 -1.97 12.47
CA GLY B 106 -3.80 -1.77 11.10
C GLY B 106 -2.42 -1.17 10.95
N PHE B 107 -1.99 -0.38 11.93
CA PHE B 107 -0.62 0.12 11.91
C PHE B 107 0.37 -1.00 12.11
N ALA B 108 0.04 -1.95 12.98
CA ALA B 108 0.91 -3.10 13.20
C ALA B 108 0.98 -3.98 11.97
N LEU B 109 -0.10 -4.03 11.18
CA LEU B 109 -0.04 -4.78 9.94
C LEU B 109 0.47 -3.94 8.79
N THR B 110 0.64 -2.63 8.98
CA THR B 110 1.33 -1.81 7.99
C THR B 110 2.83 -1.81 8.25
N GLU B 111 3.25 -1.88 9.50
CA GLU B 111 4.65 -2.14 9.82
C GLU B 111 5.08 -3.55 9.45
N SER B 112 4.14 -4.45 9.22
CA SER B 112 4.40 -5.73 8.56
C SER B 112 4.48 -5.60 7.04
N ILE B 113 4.52 -4.37 6.53
CA ILE B 113 5.03 -4.07 5.19
C ILE B 113 6.31 -3.26 5.27
N ALA B 114 6.39 -2.34 6.25
CA ALA B 114 7.56 -1.49 6.42
C ALA B 114 8.80 -2.31 6.79
N LEU B 115 8.70 -3.13 7.83
CA LEU B 115 9.77 -4.05 8.16
C LEU B 115 9.92 -5.17 7.13
N PHE B 116 8.83 -5.48 6.42
CA PHE B 116 8.84 -6.52 5.41
C PHE B 116 9.62 -6.10 4.16
N SER B 117 9.85 -4.80 3.98
CA SER B 117 10.74 -4.29 2.96
C SER B 117 12.14 -4.03 3.49
N LEU B 118 12.26 -3.61 4.75
CA LEU B 118 13.57 -3.48 5.38
C LEU B 118 14.15 -4.81 5.80
N LEU B 119 13.40 -5.91 5.67
CA LEU B 119 14.02 -7.23 5.71
C LEU B 119 14.92 -7.43 4.50
N VAL B 120 14.58 -6.82 3.38
CA VAL B 120 15.38 -7.01 2.17
C VAL B 120 16.61 -6.11 2.17
N VAL B 121 16.49 -4.89 2.72
CA VAL B 121 17.57 -3.92 2.66
C VAL B 121 18.79 -4.39 3.44
N PHE B 122 18.57 -4.88 4.66
CA PHE B 122 19.67 -5.44 5.42
C PHE B 122 20.12 -6.80 4.89
N LEU B 123 19.26 -7.49 4.15
CA LEU B 123 19.68 -8.71 3.48
C LEU B 123 20.62 -8.39 2.32
N ILE B 124 20.46 -7.22 1.71
CA ILE B 124 21.38 -6.79 0.68
C ILE B 124 22.67 -6.26 1.29
N LEU B 125 22.57 -5.46 2.35
CA LEU B 125 23.76 -4.91 2.97
C LEU B 125 24.49 -5.95 3.81
N PHE B 126 23.84 -6.45 4.85
CA PHE B 126 24.53 -7.30 5.81
C PHE B 126 24.07 -8.76 5.68
N SER C 54 37.94 4.12 -6.51
CA SER C 54 37.13 4.12 -5.29
C SER C 54 35.65 4.19 -5.63
N VAL C 55 35.11 3.08 -6.14
CA VAL C 55 33.70 3.03 -6.48
C VAL C 55 32.88 2.75 -5.22
N LEU C 56 33.53 2.21 -4.18
CA LEU C 56 32.90 1.98 -2.88
C LEU C 56 32.37 3.27 -2.26
N ALA C 57 33.21 4.29 -2.18
CA ALA C 57 32.76 5.58 -1.68
C ALA C 57 32.12 6.42 -2.77
N ALA C 58 32.09 5.91 -4.00
CA ALA C 58 31.39 6.61 -5.07
C ALA C 58 29.95 6.15 -5.22
N SER C 59 29.72 4.84 -5.33
CA SER C 59 28.40 4.31 -5.61
C SER C 59 27.43 4.43 -4.44
N LYS C 60 27.93 4.69 -3.23
CA LYS C 60 27.02 4.96 -2.12
C LYS C 60 26.41 6.35 -2.20
N MET C 61 26.96 7.22 -3.05
CA MET C 61 26.39 8.54 -3.20
C MET C 61 25.16 8.54 -4.11
N VAL C 62 25.09 7.56 -5.01
CA VAL C 62 23.90 7.41 -5.85
C VAL C 62 22.75 6.84 -5.03
N GLY C 63 23.03 5.78 -4.27
CA GLY C 63 21.99 5.20 -3.42
C GLY C 63 21.70 6.06 -2.20
N ALA C 64 22.53 7.07 -1.96
CA ALA C 64 22.20 8.07 -0.96
C ALA C 64 20.94 8.84 -1.33
N GLY C 65 20.90 9.35 -2.56
CA GLY C 65 19.75 10.11 -2.99
C GLY C 65 18.54 9.25 -3.24
N CYS C 66 18.77 8.04 -3.75
CA CYS C 66 17.67 7.10 -3.98
C CYS C 66 17.04 6.63 -2.68
N ALA C 67 17.77 6.66 -1.56
CA ALA C 67 17.21 6.24 -0.30
C ALA C 67 16.18 7.22 0.25
N THR C 68 16.28 8.50 -0.10
CA THR C 68 15.40 9.51 0.46
C THR C 68 14.09 9.64 -0.29
N ILE C 69 13.87 8.84 -1.34
CA ILE C 69 12.59 8.88 -2.05
C ILE C 69 11.49 8.25 -1.22
N ALA C 70 11.85 7.50 -0.17
CA ALA C 70 10.87 7.09 0.84
C ALA C 70 10.20 8.29 1.50
N LEU C 71 10.91 9.41 1.61
CA LEU C 71 10.35 10.62 2.17
C LEU C 71 9.46 11.39 1.20
N ALA C 72 9.18 10.85 0.01
CA ALA C 72 8.13 11.41 -0.81
C ALA C 72 6.79 11.08 -0.19
N GLY C 73 6.47 9.79 -0.10
CA GLY C 73 5.17 9.38 0.39
C GLY C 73 4.96 9.61 1.87
N VAL C 74 6.04 9.79 2.62
CA VAL C 74 5.88 10.29 3.99
C VAL C 74 5.33 11.70 3.97
N GLY C 75 5.81 12.52 3.04
CA GLY C 75 5.23 13.84 2.86
C GLY C 75 3.79 13.77 2.37
N ALA C 76 3.51 12.86 1.45
CA ALA C 76 2.13 12.66 1.00
C ALA C 76 1.29 11.97 2.06
N GLY C 77 1.92 11.23 2.96
CA GLY C 77 1.18 10.58 4.03
C GLY C 77 0.66 11.56 5.06
N LEU C 78 1.53 12.41 5.58
CA LEU C 78 1.04 13.39 6.55
C LEU C 78 0.45 14.63 5.89
N GLY C 79 0.09 14.57 4.62
CA GLY C 79 -0.77 15.57 4.03
C GLY C 79 -2.23 15.23 4.18
N VAL C 80 -2.61 14.04 3.69
CA VAL C 80 -3.96 13.53 3.89
C VAL C 80 -4.24 13.28 5.36
N MET C 81 -3.20 12.98 6.14
CA MET C 81 -3.37 12.82 7.57
C MET C 81 -3.71 14.16 8.22
N PHE C 82 -3.08 15.23 7.76
CA PHE C 82 -3.42 16.56 8.21
C PHE C 82 -4.47 17.22 7.34
N GLY C 83 -4.88 16.58 6.24
CA GLY C 83 -6.05 17.07 5.53
C GLY C 83 -7.32 16.74 6.29
N SER C 84 -7.48 15.47 6.65
CA SER C 84 -8.65 15.04 7.39
C SER C 84 -8.69 15.54 8.82
N LEU C 85 -7.59 16.09 9.34
CA LEU C 85 -7.66 16.90 10.55
C LEU C 85 -8.56 18.09 10.35
N ILE C 86 -8.49 18.71 9.17
CA ILE C 86 -9.27 19.91 8.93
C ILE C 86 -10.71 19.56 8.63
N ASN C 87 -10.93 18.48 7.88
CA ASN C 87 -12.28 17.99 7.65
C ASN C 87 -12.84 17.35 8.92
N GLY C 88 -11.95 16.88 9.81
CA GLY C 88 -12.40 16.37 11.09
C GLY C 88 -12.88 17.46 12.02
N ALA C 89 -12.24 18.61 11.99
CA ALA C 89 -12.73 19.74 12.77
C ALA C 89 -13.90 20.44 12.10
N ALA C 90 -14.21 20.07 10.87
CA ALA C 90 -15.36 20.66 10.19
C ALA C 90 -16.68 20.11 10.73
N ARG C 91 -16.69 18.87 11.18
CA ARG C 91 -17.95 18.26 11.60
C ARG C 91 -18.34 18.70 13.00
N ASN C 92 -17.38 18.87 13.89
CA ASN C 92 -17.66 19.24 15.29
C ASN C 92 -16.46 19.92 15.91
N PRO C 93 -16.29 21.22 15.68
CA PRO C 93 -15.21 21.96 16.32
C PRO C 93 -15.48 22.29 17.79
N ASN C 94 -16.62 21.86 18.32
CA ASN C 94 -16.88 21.99 19.75
C ASN C 94 -15.92 21.12 20.55
N ILE C 95 -15.66 19.91 20.08
CA ILE C 95 -14.62 19.06 20.63
C ILE C 95 -13.69 18.66 19.48
N ALA C 96 -12.54 19.33 19.41
CA ALA C 96 -11.51 19.01 18.45
C ALA C 96 -10.12 18.97 19.06
N LYS C 97 -9.97 19.29 20.34
CA LYS C 97 -8.69 19.09 21.00
C LYS C 97 -8.37 17.61 21.17
N GLN C 98 -9.39 16.75 21.22
CA GLN C 98 -9.14 15.31 21.18
C GLN C 98 -8.61 14.89 19.82
N LEU C 99 -9.11 15.52 18.75
CA LEU C 99 -8.70 15.14 17.40
C LEU C 99 -7.28 15.60 17.10
N VAL C 100 -6.93 16.81 17.53
CA VAL C 100 -5.54 17.25 17.44
C VAL C 100 -4.69 16.46 18.43
N GLY C 101 -5.28 16.08 19.57
CA GLY C 101 -4.61 15.15 20.48
C GLY C 101 -4.45 13.76 19.88
N TYR C 102 -5.26 13.42 18.88
CA TYR C 102 -5.01 12.23 18.08
C TYR C 102 -4.16 12.54 16.86
N ALA C 103 -4.07 13.80 16.44
CA ALA C 103 -3.29 14.14 15.27
C ALA C 103 -1.80 14.16 15.57
N LEU C 104 -1.43 14.56 16.78
CA LEU C 104 -0.02 14.50 17.16
C LEU C 104 0.40 13.07 17.50
N LEU C 105 -0.55 12.16 17.71
CA LEU C 105 -0.22 10.75 17.79
C LEU C 105 0.26 10.23 16.45
N GLY C 106 -0.52 10.47 15.40
CA GLY C 106 -0.21 9.90 14.10
C GLY C 106 0.95 10.56 13.41
N PHE C 107 1.21 11.83 13.69
CA PHE C 107 2.40 12.47 13.15
C PHE C 107 3.66 11.90 13.78
N ALA C 108 3.61 11.58 15.07
CA ALA C 108 4.74 10.96 15.73
C ALA C 108 4.99 9.56 15.20
N LEU C 109 3.95 8.86 14.78
CA LEU C 109 4.14 7.56 14.18
C LEU C 109 4.39 7.65 12.68
N THR C 110 4.22 8.83 12.08
CA THR C 110 4.65 9.03 10.71
C THR C 110 6.11 9.47 10.64
N GLU C 111 6.57 10.23 11.64
CA GLU C 111 8.00 10.47 11.79
C GLU C 111 8.77 9.23 12.20
N SER C 112 8.08 8.19 12.67
CA SER C 112 8.63 6.85 12.80
C SER C 112 8.63 6.09 11.48
N ILE C 113 8.34 6.77 10.38
CA ILE C 113 8.71 6.32 9.05
C ILE C 113 9.73 7.26 8.42
N ALA C 114 9.61 8.56 8.70
CA ALA C 114 10.55 9.55 8.16
C ALA C 114 11.95 9.35 8.70
N LEU C 115 12.11 9.29 10.02
CA LEU C 115 13.39 8.96 10.61
C LEU C 115 13.77 7.51 10.37
N PHE C 116 12.78 6.64 10.14
CA PHE C 116 13.03 5.23 9.90
C PHE C 116 13.64 4.98 8.53
N SER C 117 13.50 5.95 7.62
CA SER C 117 14.22 5.93 6.34
C SER C 117 15.51 6.71 6.38
N LEU C 118 15.57 7.80 7.16
CA LEU C 118 16.82 8.51 7.37
C LEU C 118 17.74 7.81 8.35
N LEU C 119 17.29 6.73 8.99
CA LEU C 119 18.22 5.83 9.64
C LEU C 119 19.11 5.13 8.61
N VAL C 120 18.59 4.90 7.42
CA VAL C 120 19.36 4.20 6.40
C VAL C 120 20.32 5.14 5.68
N VAL C 121 19.92 6.40 5.49
CA VAL C 121 20.70 7.35 4.70
C VAL C 121 22.02 7.67 5.39
N PHE C 122 21.99 7.94 6.69
CA PHE C 122 23.22 8.14 7.43
C PHE C 122 23.97 6.85 7.67
N LEU C 123 23.29 5.70 7.60
CA LEU C 123 24.00 4.42 7.66
C LEU C 123 24.79 4.18 6.38
N ILE C 124 24.30 4.73 5.26
CA ILE C 124 25.06 4.65 4.02
C ILE C 124 26.19 5.66 4.01
N LEU C 125 25.92 6.89 4.44
CA LEU C 125 26.95 7.92 4.43
C LEU C 125 27.94 7.72 5.56
N PHE C 126 27.48 7.80 6.79
CA PHE C 126 28.39 7.82 7.93
C PHE C 126 28.33 6.50 8.71
N SER D 54 37.75 12.08 -10.94
CA SER D 54 37.03 12.60 -9.78
C SER D 54 35.56 12.21 -9.85
N VAL D 55 35.29 10.92 -9.61
CA VAL D 55 33.92 10.44 -9.63
C VAL D 55 33.25 10.73 -8.29
N LEU D 56 34.07 10.97 -7.25
CA LEU D 56 33.57 11.36 -5.92
C LEU D 56 32.78 12.66 -5.98
N ALA D 57 33.34 13.70 -6.58
CA ALA D 57 32.63 14.95 -6.73
C ALA D 57 31.74 14.93 -7.97
N ALA D 58 31.77 13.85 -8.74
CA ALA D 58 30.87 13.73 -9.88
C ALA D 58 29.58 13.00 -9.51
N SER D 59 29.68 11.82 -8.91
CA SER D 59 28.51 11.00 -8.65
C SER D 59 27.61 11.55 -7.55
N LYS D 60 28.08 12.51 -6.76
CA LYS D 60 27.19 13.15 -5.80
C LYS D 60 26.26 14.15 -6.47
N MET D 61 26.53 14.50 -7.72
CA MET D 61 25.65 15.42 -8.44
C MET D 61 24.42 14.70 -8.98
N VAL D 62 24.54 13.39 -9.23
CA VAL D 62 23.38 12.61 -9.66
C VAL D 62 22.45 12.37 -8.48
N GLY D 63 23.02 11.96 -7.35
CA GLY D 63 22.20 11.75 -6.16
C GLY D 63 21.76 13.06 -5.52
N ALA D 64 22.33 14.18 -5.96
CA ALA D 64 21.82 15.48 -5.58
C ALA D 64 20.40 15.68 -6.08
N GLY D 65 20.18 15.43 -7.36
CA GLY D 65 18.85 15.63 -7.92
C GLY D 65 17.87 14.56 -7.47
N CYS D 66 18.36 13.32 -7.33
CA CYS D 66 17.52 12.24 -6.85
C CYS D 66 17.09 12.43 -5.41
N ALA D 67 17.85 13.19 -4.62
CA ALA D 67 17.46 13.42 -3.23
C ALA D 67 16.26 14.33 -3.10
N THR D 68 16.03 15.22 -4.06
CA THR D 68 14.96 16.19 -3.95
C THR D 68 13.62 15.66 -4.43
N ILE D 69 13.55 14.40 -4.87
CA ILE D 69 12.27 13.82 -5.26
C ILE D 69 11.39 13.55 -4.05
N ALA D 70 11.97 13.57 -2.85
CA ALA D 70 11.18 13.59 -1.62
C ALA D 70 10.26 14.80 -1.55
N LEU D 71 10.68 15.91 -2.15
CA LEU D 71 9.87 17.12 -2.21
C LEU D 71 8.79 17.07 -3.27
N ALA D 72 8.58 15.93 -3.94
CA ALA D 72 7.38 15.75 -4.74
C ALA D 72 6.19 15.59 -3.81
N GLY D 73 6.21 14.50 -3.03
CA GLY D 73 5.08 14.20 -2.19
C GLY D 73 4.90 15.14 -1.02
N VAL D 74 5.93 15.89 -0.66
CA VAL D 74 5.73 17.01 0.27
C VAL D 74 4.84 18.06 -0.38
N GLY D 75 5.05 18.34 -1.66
CA GLY D 75 4.16 19.21 -2.39
C GLY D 75 2.76 18.63 -2.51
N ALA D 76 2.67 17.33 -2.78
CA ALA D 76 1.36 16.68 -2.82
C ALA D 76 0.77 16.53 -1.44
N GLY D 77 1.61 16.52 -0.40
CA GLY D 77 1.10 16.42 0.96
C GLY D 77 0.41 17.69 1.40
N LEU D 78 1.07 18.82 1.26
CA LEU D 78 0.41 20.06 1.66
C LEU D 78 -0.51 20.63 0.58
N GLY D 79 -0.91 19.82 -0.40
CA GLY D 79 -2.02 20.19 -1.26
C GLY D 79 -3.33 19.71 -0.71
N VAL D 80 -3.43 18.40 -0.45
CA VAL D 80 -4.62 17.84 0.22
C VAL D 80 -4.75 18.38 1.63
N MET D 81 -3.62 18.74 2.27
CA MET D 81 -3.68 19.35 3.58
C MET D 81 -4.31 20.73 3.50
N PHE D 82 -3.98 21.47 2.45
CA PHE D 82 -4.62 22.76 2.22
C PHE D 82 -5.83 22.65 1.32
N GLY D 83 -6.13 21.46 0.79
CA GLY D 83 -7.42 21.27 0.15
C GLY D 83 -8.53 21.17 1.17
N SER D 84 -8.35 20.30 2.15
CA SER D 84 -9.35 20.11 3.20
C SER D 84 -9.44 21.29 4.16
N LEU D 85 -8.48 22.23 4.12
CA LEU D 85 -8.69 23.53 4.74
C LEU D 85 -9.86 24.24 4.11
N ILE D 86 -10.00 24.13 2.80
CA ILE D 86 -11.06 24.85 2.11
C ILE D 86 -12.39 24.14 2.29
N ASN D 87 -12.37 22.80 2.24
CA ASN D 87 -13.57 22.04 2.54
C ASN D 87 -13.89 22.09 4.02
N GLY D 88 -12.88 22.34 4.85
CA GLY D 88 -13.12 22.52 6.28
C GLY D 88 -13.81 23.83 6.60
N ALA D 89 -13.47 24.89 5.87
CA ALA D 89 -14.18 26.15 6.03
C ALA D 89 -15.52 26.15 5.31
N ALA D 90 -15.80 25.12 4.51
CA ALA D 90 -17.09 25.03 3.84
C ALA D 90 -18.20 24.64 4.79
N ARG D 91 -17.88 23.86 5.82
CA ARG D 91 -18.93 23.35 6.71
C ARG D 91 -19.36 24.40 7.72
N ASN D 92 -18.41 25.19 8.22
CA ASN D 92 -18.71 26.19 9.26
C ASN D 92 -17.68 27.30 9.22
N PRO D 93 -17.85 28.28 8.33
CA PRO D 93 -16.96 29.44 8.31
C PRO D 93 -17.21 30.44 9.42
N ASN D 94 -18.18 30.17 10.30
CA ASN D 94 -18.41 30.99 11.48
C ASN D 94 -17.23 30.88 12.43
N ILE D 95 -16.70 29.68 12.61
CA ILE D 95 -15.45 29.46 13.32
C ILE D 95 -14.52 28.68 12.40
N ALA D 96 -13.57 29.40 11.80
CA ALA D 96 -12.54 28.81 10.98
C ALA D 96 -11.15 29.34 11.27
N LYS D 97 -11.03 30.33 12.17
CA LYS D 97 -9.70 30.75 12.61
C LYS D 97 -9.02 29.68 13.45
N GLN D 98 -9.79 28.82 14.10
CA GLN D 98 -9.21 27.65 14.76
C GLN D 98 -8.66 26.68 13.74
N LEU D 99 -9.34 26.53 12.61
CA LEU D 99 -8.93 25.56 11.59
C LEU D 99 -7.68 26.04 10.86
N VAL D 100 -7.61 27.33 10.54
CA VAL D 100 -6.38 27.89 10.00
C VAL D 100 -5.32 27.93 11.09
N GLY D 101 -5.74 28.12 12.35
CA GLY D 101 -4.82 27.96 13.46
C GLY D 101 -4.35 26.53 13.65
N TYR D 102 -5.10 25.57 13.12
CA TYR D 102 -4.62 24.20 13.01
C TYR D 102 -3.92 23.94 11.68
N ALA D 103 -4.16 24.79 10.68
CA ALA D 103 -3.55 24.58 9.37
C ALA D 103 -2.09 25.03 9.36
N LEU D 104 -1.77 26.07 10.11
CA LEU D 104 -0.37 26.47 10.23
C LEU D 104 0.40 25.56 11.16
N LEU D 105 -0.30 24.75 11.97
CA LEU D 105 0.39 23.69 12.70
C LEU D 105 0.90 22.63 11.76
N GLY D 106 0.03 22.12 10.89
CA GLY D 106 0.41 21.02 10.03
C GLY D 106 1.35 21.39 8.90
N PHE D 107 1.30 22.64 8.44
CA PHE D 107 2.27 23.09 7.46
C PHE D 107 3.66 23.18 8.06
N ALA D 108 3.75 23.60 9.32
CA ALA D 108 5.04 23.65 10.00
C ALA D 108 5.60 22.26 10.23
N LEU D 109 4.73 21.27 10.42
CA LEU D 109 5.20 19.91 10.53
C LEU D 109 5.35 19.23 9.19
N THR D 110 4.87 19.85 8.11
CA THR D 110 5.16 19.35 6.77
C THR D 110 6.46 19.95 6.25
N GLU D 111 6.78 21.18 6.62
CA GLU D 111 8.11 21.73 6.37
C GLU D 111 9.18 21.05 7.22
N SER D 112 8.79 20.33 8.27
CA SER D 112 9.66 19.40 8.97
C SER D 112 9.78 18.06 8.25
N ILE D 113 9.28 17.97 7.02
CA ILE D 113 9.68 16.95 6.07
C ILE D 113 10.41 17.58 4.88
N ALA D 114 9.99 18.78 4.46
CA ALA D 114 10.62 19.49 3.35
C ALA D 114 12.05 19.87 3.66
N LEU D 115 12.29 20.54 4.78
CA LEU D 115 13.64 20.82 5.23
C LEU D 115 14.36 19.56 5.70
N PHE D 116 13.60 18.55 6.12
CA PHE D 116 14.17 17.30 6.59
C PHE D 116 14.75 16.47 5.46
N SER D 117 14.34 16.75 4.22
CA SER D 117 14.97 16.19 3.04
C SER D 117 16.04 17.08 2.45
N LEU D 118 15.87 18.40 2.54
CA LEU D 118 16.91 19.33 2.13
C LEU D 118 18.03 19.45 3.16
N LEU D 119 17.88 18.82 4.32
CA LEU D 119 19.04 18.59 5.18
C LEU D 119 20.01 17.63 4.52
N VAL D 120 19.51 16.70 3.72
CA VAL D 120 20.38 15.72 3.09
C VAL D 120 21.04 16.29 1.84
N VAL D 121 20.33 17.14 1.10
CA VAL D 121 20.82 17.64 -0.18
C VAL D 121 22.07 18.51 0.00
N PHE D 122 22.02 19.43 0.97
CA PHE D 122 23.20 20.21 1.28
C PHE D 122 24.26 19.41 2.01
N LEU D 123 23.87 18.31 2.65
CA LEU D 123 24.87 17.41 3.23
C LEU D 123 25.63 16.67 2.14
N ILE D 124 24.98 16.44 1.00
CA ILE D 124 25.67 15.84 -0.13
C ILE D 124 26.52 16.87 -0.85
N LEU D 125 25.98 18.07 -1.07
CA LEU D 125 26.72 19.10 -1.78
C LEU D 125 27.80 19.72 -0.90
N PHE D 126 27.38 20.37 0.18
CA PHE D 126 28.32 21.15 0.97
C PHE D 126 28.62 20.48 2.31
N SER E 54 35.50 14.73 -18.96
CA SER E 54 34.75 15.68 -18.15
C SER E 54 33.41 15.10 -17.74
N VAL E 55 33.45 14.15 -16.81
CA VAL E 55 32.22 13.54 -16.33
C VAL E 55 31.59 14.42 -15.25
N LEU E 56 32.39 15.32 -14.66
CA LEU E 56 31.91 16.30 -13.69
C LEU E 56 30.84 17.21 -14.28
N ALA E 57 31.13 17.82 -15.43
CA ALA E 57 30.13 18.64 -16.10
C ALA E 57 29.20 17.81 -16.96
N ALA E 58 29.42 16.50 -17.03
CA ALA E 58 28.50 15.63 -17.75
C ALA E 58 27.44 15.04 -16.83
N SER E 59 27.83 14.43 -15.72
CA SER E 59 26.90 13.73 -14.85
C SER E 59 25.96 14.65 -14.08
N LYS E 60 26.26 15.95 -14.02
CA LYS E 60 25.32 16.87 -13.41
C LYS E 60 24.14 17.17 -14.33
N MET E 61 24.24 16.80 -15.60
CA MET E 61 23.14 17.01 -16.53
C MET E 61 22.07 15.94 -16.39
N VAL E 62 22.46 14.75 -15.92
CA VAL E 62 21.49 13.70 -15.64
C VAL E 62 20.71 14.02 -14.38
N GLY E 63 21.42 14.40 -13.31
CA GLY E 63 20.75 14.77 -12.08
C GLY E 63 20.07 16.13 -12.17
N ALA E 64 20.35 16.87 -13.24
CA ALA E 64 19.58 18.08 -13.51
C ALA E 64 18.12 17.75 -13.79
N GLY E 65 17.88 16.79 -14.68
CA GLY E 65 16.51 16.44 -15.01
C GLY E 65 15.83 15.67 -13.90
N CYS E 66 16.58 14.82 -13.21
CA CYS E 66 16.04 14.08 -12.08
C CYS E 66 15.67 14.97 -10.92
N ALA E 67 16.29 16.14 -10.79
CA ALA E 67 15.95 17.05 -9.71
C ALA E 67 14.58 17.67 -9.87
N THR E 68 14.10 17.83 -11.10
CA THR E 68 12.84 18.52 -11.34
C THR E 68 11.63 17.62 -11.21
N ILE E 69 11.82 16.34 -10.88
CA ILE E 69 10.68 15.45 -10.68
C ILE E 69 9.97 15.77 -9.38
N ALA E 70 10.60 16.54 -8.49
CA ALA E 70 9.91 17.12 -7.36
C ALA E 70 8.75 18.02 -7.79
N LEU E 71 8.86 18.65 -8.95
CA LEU E 71 7.80 19.47 -9.49
C LEU E 71 6.69 18.68 -10.14
N ALA E 72 6.71 17.35 -10.07
CA ALA E 72 5.53 16.57 -10.42
C ALA E 72 4.48 16.77 -9.35
N GLY E 73 4.78 16.34 -8.13
CA GLY E 73 3.80 16.38 -7.07
C GLY E 73 3.47 17.77 -6.58
N VAL E 74 4.34 18.75 -6.86
CA VAL E 74 3.95 20.13 -6.65
C VAL E 74 2.81 20.50 -7.59
N GLY E 75 2.88 20.04 -8.84
CA GLY E 75 1.76 20.21 -9.74
C GLY E 75 0.53 19.46 -9.29
N ALA E 76 0.72 18.24 -8.80
CA ALA E 76 -0.41 17.49 -8.26
C ALA E 76 -0.86 18.05 -6.93
N GLY E 77 0.02 18.74 -6.22
CA GLY E 77 -0.37 19.34 -4.95
C GLY E 77 -1.30 20.52 -5.13
N LEU E 78 -0.91 21.47 -5.97
CA LEU E 78 -1.82 22.60 -6.18
C LEU E 78 -2.90 22.31 -7.22
N GLY E 79 -3.17 21.06 -7.54
CA GLY E 79 -4.37 20.70 -8.24
C GLY E 79 -5.53 20.42 -7.30
N VAL E 80 -5.31 19.48 -6.36
CA VAL E 80 -6.30 19.22 -5.30
C VAL E 80 -6.45 20.43 -4.40
N MET E 81 -5.40 21.24 -4.27
CA MET E 81 -5.51 22.47 -3.50
C MET E 81 -6.43 23.46 -4.19
N PHE E 82 -6.35 23.53 -5.50
CA PHE E 82 -7.27 24.35 -6.27
C PHE E 82 -8.49 23.57 -6.74
N GLY E 83 -8.54 22.26 -6.50
CA GLY E 83 -9.79 21.55 -6.70
C GLY E 83 -10.79 21.88 -5.59
N SER E 84 -10.36 21.73 -4.35
CA SER E 84 -11.21 22.02 -3.22
C SER E 84 -11.51 23.50 -3.03
N LEU E 85 -10.78 24.39 -3.73
CA LEU E 85 -11.24 25.76 -3.87
C LEU E 85 -12.58 25.82 -4.56
N ILE E 86 -12.78 24.96 -5.57
CA ILE E 86 -14.01 25.01 -6.33
C ILE E 86 -15.13 24.33 -5.56
N ASN E 87 -14.82 23.22 -4.91
CA ASN E 87 -15.80 22.58 -4.05
C ASN E 87 -16.03 23.40 -2.78
N GLY E 88 -15.04 24.22 -2.41
CA GLY E 88 -15.23 25.13 -1.28
C GLY E 88 -16.17 26.27 -1.60
N ALA E 89 -16.13 26.78 -2.82
CA ALA E 89 -17.09 27.79 -3.23
C ALA E 89 -18.43 27.18 -3.59
N ALA E 90 -18.52 25.85 -3.65
CA ALA E 90 -19.81 25.21 -3.94
C ALA E 90 -20.73 25.26 -2.74
N ARG E 91 -20.19 25.23 -1.53
CA ARG E 91 -21.03 25.16 -0.34
C ARG E 91 -21.62 26.52 0.01
N ASN E 92 -20.85 27.59 -0.16
CA ASN E 92 -21.30 28.93 0.22
C ASN E 92 -20.55 29.98 -0.58
N PRO E 93 -20.99 30.25 -1.82
CA PRO E 93 -20.37 31.32 -2.61
C PRO E 93 -20.79 32.72 -2.18
N ASN E 94 -21.62 32.83 -1.14
CA ASN E 94 -21.94 34.14 -0.56
C ASN E 94 -20.71 34.75 0.08
N ILE E 95 -19.91 33.95 0.77
CA ILE E 95 -18.61 34.37 1.26
C ILE E 95 -17.58 33.36 0.75
N ALA E 96 -16.86 33.75 -0.29
CA ALA E 96 -15.78 32.97 -0.84
C ALA E 96 -14.53 33.78 -1.14
N LYS E 97 -14.57 35.10 -0.95
CA LYS E 97 -13.35 35.89 -1.04
C LYS E 97 -12.39 35.59 0.10
N GLN E 98 -12.90 35.14 1.25
CA GLN E 98 -12.04 34.64 2.31
C GLN E 98 -11.34 33.36 1.89
N LEU E 99 -12.06 32.50 1.15
CA LEU E 99 -11.50 31.22 0.75
C LEU E 99 -10.44 31.38 -0.33
N VAL E 100 -10.68 32.26 -1.30
CA VAL E 100 -9.64 32.62 -2.25
C VAL E 100 -8.55 33.41 -1.56
N GLY E 101 -8.92 34.21 -0.55
CA GLY E 101 -7.92 34.84 0.30
C GLY E 101 -7.14 33.85 1.13
N TYR E 102 -7.68 32.65 1.34
CA TYR E 102 -6.91 31.55 1.89
C TYR E 102 -6.26 30.70 0.80
N ALA E 103 -6.75 30.79 -0.44
CA ALA E 103 -6.18 29.98 -1.52
C ALA E 103 -4.87 30.57 -2.01
N LEU E 104 -4.74 31.89 -2.01
CA LEU E 104 -3.47 32.49 -2.37
C LEU E 104 -2.46 32.39 -1.25
N LEU E 105 -2.90 32.07 -0.03
CA LEU E 105 -1.95 31.72 1.02
C LEU E 105 -1.27 30.40 0.72
N GLY E 106 -2.05 29.37 0.42
CA GLY E 106 -1.50 28.05 0.22
C GLY E 106 -0.74 27.87 -1.06
N PHE E 107 -1.09 28.62 -2.10
CA PHE E 107 -0.32 28.59 -3.33
C PHE E 107 1.06 29.21 -3.12
N ALA E 108 1.12 30.28 -2.32
CA ALA E 108 2.40 30.89 -2.01
C ALA E 108 3.28 29.97 -1.19
N LEU E 109 2.67 29.13 -0.36
CA LEU E 109 3.45 28.16 0.38
C LEU E 109 3.66 26.87 -0.39
N THR E 110 2.98 26.71 -1.52
CA THR E 110 3.29 25.60 -2.42
C THR E 110 4.39 25.98 -3.40
N GLU E 111 4.45 27.25 -3.81
CA GLU E 111 5.61 27.76 -4.53
C GLU E 111 6.85 27.84 -3.66
N SER E 112 6.69 27.79 -2.35
CA SER E 112 7.79 27.54 -1.41
C SER E 112 8.17 26.07 -1.33
N ILE E 113 7.62 25.24 -2.21
CA ILE E 113 8.17 23.93 -2.53
C ILE E 113 8.68 23.89 -3.98
N ALA E 114 7.97 24.58 -4.88
CA ALA E 114 8.35 24.63 -6.29
C ALA E 114 9.69 25.32 -6.49
N LEU E 115 9.83 26.54 -5.96
CA LEU E 115 11.11 27.22 -5.97
C LEU E 115 12.11 26.56 -5.05
N PHE E 116 11.64 25.86 -4.03
CA PHE E 116 12.50 25.20 -3.06
C PHE E 116 13.18 23.97 -3.67
N SER E 117 12.64 23.45 -4.77
CA SER E 117 13.30 22.42 -5.55
C SER E 117 14.11 22.99 -6.71
N LEU E 118 13.65 24.09 -7.31
CA LEU E 118 14.43 24.77 -8.32
C LEU E 118 15.55 25.61 -7.74
N LEU E 119 15.63 25.73 -6.41
CA LEU E 119 16.86 26.20 -5.79
C LEU E 119 17.98 25.19 -5.99
N VAL E 120 17.65 23.91 -6.07
CA VAL E 120 18.67 22.89 -6.22
C VAL E 120 19.11 22.76 -7.67
N VAL E 121 18.18 22.94 -8.62
CA VAL E 121 18.47 22.70 -10.03
C VAL E 121 19.49 23.70 -10.56
N PHE E 122 19.31 24.98 -10.24
CA PHE E 122 20.30 25.98 -10.62
C PHE E 122 21.56 25.89 -9.77
N LEU E 123 21.47 25.29 -8.58
CA LEU E 123 22.67 25.04 -7.80
C LEU E 123 23.51 23.94 -8.45
N ILE E 124 22.86 23.01 -9.14
CA ILE E 124 23.59 22.00 -9.89
C ILE E 124 24.13 22.56 -11.18
N LEU E 125 23.33 23.33 -11.91
CA LEU E 125 23.77 23.89 -13.18
C LEU E 125 24.73 25.05 -12.97
N PHE E 126 24.26 26.13 -12.35
CA PHE E 126 25.04 27.35 -12.28
C PHE E 126 25.56 27.59 -10.86
N SER F 54 32.33 13.82 -26.90
CA SER F 54 31.40 14.89 -26.60
C SER F 54 30.27 14.38 -25.73
N VAL F 55 30.58 14.12 -24.46
CA VAL F 55 29.56 13.64 -23.53
C VAL F 55 28.77 14.83 -22.99
N LEU F 56 29.32 16.05 -23.11
CA LEU F 56 28.63 17.28 -22.73
C LEU F 56 27.35 17.48 -23.52
N ALA F 57 27.44 17.39 -24.85
CA ALA F 57 26.24 17.50 -25.67
C ALA F 57 25.51 16.15 -25.79
N ALA F 58 26.08 15.10 -25.20
CA ALA F 58 25.39 13.82 -25.18
C ALA F 58 24.54 13.64 -23.93
N SER F 59 25.12 13.84 -22.75
CA SER F 59 24.42 13.54 -21.50
C SER F 59 23.31 14.53 -21.19
N LYS F 60 23.26 15.69 -21.86
CA LYS F 60 22.12 16.58 -21.69
C LYS F 60 20.89 16.07 -22.41
N MET F 61 21.04 15.10 -23.30
CA MET F 61 19.89 14.54 -24.00
C MET F 61 19.15 13.54 -23.13
N VAL F 62 19.85 12.91 -22.18
CA VAL F 62 19.18 12.01 -21.24
C VAL F 62 18.39 12.82 -20.22
N GLY F 63 19.01 13.85 -19.65
CA GLY F 63 18.31 14.69 -18.71
C GLY F 63 17.29 15.61 -19.38
N ALA F 64 17.33 15.68 -20.70
CA ALA F 64 16.27 16.35 -21.45
C ALA F 64 14.94 15.64 -21.26
N GLY F 65 14.93 14.33 -21.45
CA GLY F 65 13.68 13.60 -21.32
C GLY F 65 13.27 13.45 -19.87
N CYS F 66 14.24 13.28 -18.98
CA CYS F 66 13.94 13.19 -17.56
C CYS F 66 13.39 14.48 -16.98
N ALA F 67 13.68 15.63 -17.60
CA ALA F 67 13.17 16.89 -17.12
C ALA F 67 11.67 17.04 -17.35
N THR F 68 11.13 16.39 -18.38
CA THR F 68 9.73 16.57 -18.73
C THR F 68 8.80 15.66 -17.95
N ILE F 69 9.32 14.84 -17.04
CA ILE F 69 8.45 14.01 -16.21
C ILE F 69 7.72 14.84 -15.18
N ALA F 70 8.16 16.08 -14.95
CA ALA F 70 7.38 17.04 -14.18
C ALA F 70 6.02 17.30 -14.82
N LEU F 71 5.93 17.20 -16.13
CA LEU F 71 4.67 17.35 -16.85
C LEU F 71 3.78 16.13 -16.79
N ALA F 72 4.15 15.10 -16.03
CA ALA F 72 3.20 14.04 -15.72
C ALA F 72 2.16 14.57 -14.75
N GLY F 73 2.61 14.95 -13.56
CA GLY F 73 1.68 15.37 -12.53
C GLY F 73 1.03 16.71 -12.79
N VAL F 74 1.59 17.52 -13.69
CA VAL F 74 0.87 18.69 -14.17
C VAL F 74 -0.35 18.24 -14.95
N GLY F 75 -0.21 17.19 -15.77
CA GLY F 75 -1.36 16.61 -16.43
C GLY F 75 -2.34 16.00 -15.46
N ALA F 76 -1.83 15.31 -14.43
CA ALA F 76 -2.71 14.78 -13.40
C ALA F 76 -3.25 15.87 -12.50
N GLY F 77 -2.55 17.01 -12.42
CA GLY F 77 -3.04 18.11 -11.61
C GLY F 77 -4.25 18.79 -12.23
N LEU F 78 -4.16 19.17 -13.49
CA LEU F 78 -5.32 19.79 -14.11
C LEU F 78 -6.32 18.77 -14.64
N GLY F 79 -6.27 17.52 -14.20
CA GLY F 79 -7.37 16.61 -14.41
C GLY F 79 -8.37 16.67 -13.27
N VAL F 80 -7.89 16.47 -12.04
CA VAL F 80 -8.74 16.65 -10.86
C VAL F 80 -9.18 18.10 -10.71
N MET F 81 -8.37 19.03 -11.20
CA MET F 81 -8.76 20.43 -11.18
C MET F 81 -9.93 20.66 -12.12
N PHE F 82 -9.91 20.02 -13.27
CA PHE F 82 -11.04 20.07 -14.19
C PHE F 82 -12.03 18.94 -13.97
N GLY F 83 -11.73 18.00 -13.06
CA GLY F 83 -12.77 17.07 -12.65
C GLY F 83 -13.77 17.74 -11.73
N SER F 84 -13.28 18.40 -10.69
CA SER F 84 -14.15 19.08 -9.75
C SER F 84 -14.81 20.33 -10.33
N LEU F 85 -14.37 20.80 -11.50
CA LEU F 85 -15.16 21.75 -12.26
C LEU F 85 -16.50 21.14 -12.64
N ILE F 86 -16.50 19.87 -13.01
CA ILE F 86 -17.72 19.23 -13.46
C ILE F 86 -18.60 18.88 -12.27
N ASN F 87 -17.99 18.40 -11.20
CA ASN F 87 -18.74 18.16 -9.97
C ASN F 87 -19.14 19.48 -9.31
N GLY F 88 -18.39 20.55 -9.59
CA GLY F 88 -18.77 21.85 -9.10
C GLY F 88 -19.98 22.43 -9.80
N ALA F 89 -20.11 22.18 -11.10
CA ALA F 89 -21.31 22.57 -11.81
C ALA F 89 -22.47 21.62 -11.56
N ALA F 90 -22.22 20.49 -10.91
CA ALA F 90 -23.29 19.56 -10.59
C ALA F 90 -24.17 20.08 -9.46
N ARG F 91 -23.60 20.82 -8.53
CA ARG F 91 -24.35 21.25 -7.36
C ARG F 91 -25.26 22.42 -7.68
N ASN F 92 -24.80 23.35 -8.52
CA ASN F 92 -25.56 24.56 -8.83
C ASN F 92 -25.13 25.12 -10.17
N PRO F 93 -25.67 24.58 -11.27
CA PRO F 93 -25.38 25.14 -12.59
C PRO F 93 -26.12 26.42 -12.90
N ASN F 94 -26.93 26.92 -11.96
CA ASN F 94 -27.55 28.23 -12.10
C ASN F 94 -26.50 29.33 -12.11
N ILE F 95 -25.51 29.22 -11.24
CA ILE F 95 -24.34 30.08 -11.26
C ILE F 95 -23.11 29.19 -11.33
N ALA F 96 -22.54 29.08 -12.53
CA ALA F 96 -21.31 28.35 -12.77
C ALA F 96 -20.33 29.10 -13.64
N LYS F 97 -20.70 30.27 -14.16
CA LYS F 97 -19.73 31.10 -14.86
C LYS F 97 -18.69 31.68 -13.91
N GLN F 98 -19.04 31.84 -12.63
CA GLN F 98 -18.04 32.19 -11.64
C GLN F 98 -17.05 31.05 -11.42
N LEU F 99 -17.53 29.82 -11.47
CA LEU F 99 -16.68 28.66 -11.22
C LEU F 99 -15.73 28.41 -12.39
N VAL F 100 -16.23 28.55 -13.62
CA VAL F 100 -15.34 28.51 -14.77
C VAL F 100 -14.48 29.76 -14.80
N GLY F 101 -15.01 30.88 -14.32
CA GLY F 101 -14.19 32.06 -14.10
C GLY F 101 -13.13 31.88 -13.02
N TYR F 102 -13.35 30.91 -12.13
CA TYR F 102 -12.30 30.47 -11.22
C TYR F 102 -11.49 29.32 -11.79
N ALA F 103 -12.02 28.61 -12.79
CA ALA F 103 -11.30 27.48 -13.36
C ALA F 103 -10.20 27.94 -14.30
N LEU F 104 -10.41 29.04 -15.01
CA LEU F 104 -9.36 29.58 -15.85
C LEU F 104 -8.31 30.31 -15.02
N LEU F 105 -8.62 30.64 -13.77
CA LEU F 105 -7.58 31.13 -12.86
C LEU F 105 -6.59 30.02 -12.54
N GLY F 106 -7.09 28.87 -12.12
CA GLY F 106 -6.22 27.80 -11.67
C GLY F 106 -5.48 27.09 -12.79
N PHE F 107 -6.06 27.06 -13.99
CA PHE F 107 -5.33 26.52 -15.13
C PHE F 107 -4.17 27.41 -15.51
N ALA F 108 -4.35 28.73 -15.41
CA ALA F 108 -3.26 29.65 -15.69
C ALA F 108 -2.15 29.53 -14.66
N LEU F 109 -2.50 29.18 -13.43
CA LEU F 109 -1.47 28.97 -12.42
C LEU F 109 -0.96 27.54 -12.43
N THR F 110 -1.61 26.64 -13.19
CA THR F 110 -1.04 25.32 -13.40
C THR F 110 -0.11 25.31 -14.61
N GLU F 111 -0.40 26.12 -15.62
CA GLU F 111 0.56 26.36 -16.70
C GLU F 111 1.77 27.16 -16.22
N SER F 112 1.67 27.81 -15.06
CA SER F 112 2.83 28.33 -14.34
C SER F 112 3.57 27.26 -13.55
N ILE F 113 3.23 25.99 -13.77
CA ILE F 113 4.10 24.87 -13.44
C ILE F 113 4.55 24.15 -14.71
N ALA F 114 3.66 24.07 -15.70
CA ALA F 114 3.97 23.40 -16.97
C ALA F 114 5.07 24.12 -17.73
N LEU F 115 4.91 25.43 -17.95
CA LEU F 115 5.97 26.23 -18.54
C LEU F 115 7.14 26.41 -17.58
N PHE F 116 6.89 26.31 -16.27
CA PHE F 116 7.93 26.47 -15.27
C PHE F 116 8.88 25.28 -15.24
N SER F 117 8.46 24.14 -15.80
CA SER F 117 9.35 23.01 -16.03
C SER F 117 9.94 22.99 -17.42
N LEU F 118 9.19 23.46 -18.42
CA LEU F 118 9.73 23.61 -19.77
C LEU F 118 10.61 24.84 -19.91
N LEU F 119 10.70 25.68 -18.86
CA LEU F 119 11.79 26.65 -18.80
C LEU F 119 13.12 25.94 -18.63
N VAL F 120 13.14 24.79 -17.96
CA VAL F 120 14.39 24.08 -17.73
C VAL F 120 14.80 23.27 -18.95
N VAL F 121 13.82 22.71 -19.68
CA VAL F 121 14.12 21.79 -20.78
C VAL F 121 14.83 22.52 -21.92
N PHE F 122 14.33 23.70 -22.29
CA PHE F 122 15.02 24.50 -23.29
C PHE F 122 16.28 25.15 -22.75
N LEU F 123 16.39 25.29 -21.43
CA LEU F 123 17.64 25.76 -20.85
C LEU F 123 18.71 24.68 -20.94
N ILE F 124 18.30 23.42 -20.93
CA ILE F 124 19.24 22.33 -21.14
C ILE F 124 19.59 22.19 -22.62
N LEU F 125 18.59 22.25 -23.49
CA LEU F 125 18.83 22.09 -24.92
C LEU F 125 19.47 23.34 -25.50
N PHE F 126 18.76 24.45 -25.48
CA PHE F 126 19.19 25.65 -26.18
C PHE F 126 19.68 26.72 -25.22
N SER G 54 29.21 6.86 -31.72
CA SER G 54 28.07 7.75 -31.87
C SER G 54 27.11 7.60 -30.71
N VAL G 55 27.53 8.12 -29.55
CA VAL G 55 26.68 8.05 -28.37
C VAL G 55 25.66 9.19 -28.40
N LEU G 56 25.93 10.22 -29.21
CA LEU G 56 24.99 11.34 -29.41
C LEU G 56 23.67 10.86 -29.99
N ALA G 57 23.72 10.08 -31.08
CA ALA G 57 22.49 9.53 -31.64
C ALA G 57 22.09 8.24 -30.94
N ALA G 58 22.90 7.77 -29.98
CA ALA G 58 22.51 6.61 -29.21
C ALA G 58 21.78 6.98 -27.93
N SER G 59 22.34 7.87 -27.13
CA SER G 59 21.77 8.19 -25.82
C SER G 59 20.48 8.99 -25.89
N LYS G 60 20.16 9.57 -27.05
CA LYS G 60 18.86 10.22 -27.18
C LYS G 60 17.74 9.20 -27.35
N MET G 61 18.07 7.94 -27.61
CA MET G 61 17.05 6.91 -27.74
C MET G 61 16.58 6.42 -26.37
N VAL G 62 17.44 6.53 -25.37
CA VAL G 62 17.03 6.17 -24.00
C VAL G 62 16.12 7.25 -23.43
N GLY G 63 16.52 8.52 -23.58
CA GLY G 63 15.68 9.60 -23.11
C GLY G 63 14.46 9.83 -24.00
N ALA G 64 14.43 9.18 -25.16
CA ALA G 64 13.22 9.17 -25.96
C ALA G 64 12.09 8.46 -25.24
N GLY G 65 12.36 7.26 -24.73
CA GLY G 65 11.32 6.52 -24.04
C GLY G 65 11.00 7.10 -22.68
N CYS G 66 12.03 7.61 -22.00
CA CYS G 66 11.81 8.24 -20.70
C CYS G 66 11.01 9.52 -20.80
N ALA G 67 11.02 10.19 -21.96
CA ALA G 67 10.24 11.40 -22.12
C ALA G 67 8.75 11.15 -22.16
N THR G 68 8.32 9.98 -22.61
CA THR G 68 6.90 9.70 -22.78
C THR G 68 6.23 9.21 -21.52
N ILE G 69 6.96 9.10 -20.41
CA ILE G 69 6.34 8.71 -19.15
C ILE G 69 5.48 9.83 -18.58
N ALA G 70 5.64 11.06 -19.10
CA ALA G 70 4.69 12.13 -18.84
C ALA G 70 3.28 11.77 -19.29
N LEU G 71 3.17 10.96 -20.33
CA LEU G 71 1.88 10.50 -20.83
C LEU G 71 1.29 9.36 -20.01
N ALA G 72 1.91 8.99 -18.90
CA ALA G 72 1.24 8.12 -17.94
C ALA G 72 0.14 8.90 -17.24
N GLY G 73 0.54 9.92 -16.49
CA GLY G 73 -0.41 10.68 -15.71
C GLY G 73 -1.36 11.53 -16.52
N VAL G 74 -1.02 11.81 -17.78
CA VAL G 74 -2.01 12.39 -18.67
C VAL G 74 -3.13 11.39 -18.91
N GLY G 75 -2.79 10.12 -19.09
CA GLY G 75 -3.80 9.09 -19.17
C GLY G 75 -4.59 8.94 -17.88
N ALA G 76 -3.90 9.01 -16.74
CA ALA G 76 -4.59 8.97 -15.46
C ALA G 76 -5.33 10.26 -15.19
N GLY G 77 -4.90 11.36 -15.82
CA GLY G 77 -5.59 12.63 -15.62
C GLY G 77 -6.95 12.65 -16.30
N LEU G 78 -6.99 12.31 -17.59
CA LEU G 78 -8.29 12.30 -18.23
C LEU G 78 -9.06 11.00 -18.02
N GLY G 79 -8.71 10.21 -17.00
CA GLY G 79 -9.58 9.16 -16.54
C GLY G 79 -10.53 9.65 -15.46
N VAL G 80 -9.97 10.22 -14.39
CA VAL G 80 -10.79 10.85 -13.35
C VAL G 80 -11.52 12.05 -13.90
N MET G 81 -10.97 12.71 -14.92
CA MET G 81 -11.67 13.80 -15.57
C MET G 81 -12.89 13.30 -16.30
N PHE G 82 -12.78 12.15 -16.94
CA PHE G 82 -13.92 11.51 -17.57
C PHE G 82 -14.62 10.54 -16.66
N GLY G 83 -14.09 10.30 -15.46
CA GLY G 83 -14.87 9.57 -14.47
C GLY G 83 -15.96 10.44 -13.89
N SER G 84 -15.59 11.62 -13.42
CA SER G 84 -16.55 12.55 -12.85
C SER G 84 -17.49 13.15 -13.88
N LEU G 85 -17.21 13.00 -15.18
CA LEU G 85 -18.24 13.24 -16.18
C LEU G 85 -19.41 12.31 -15.99
N ILE G 86 -19.13 11.06 -15.63
CA ILE G 86 -20.22 10.09 -15.51
C ILE G 86 -20.94 10.28 -14.19
N ASN G 87 -20.20 10.57 -13.13
CA ASN G 87 -20.82 10.90 -11.86
C ASN G 87 -21.48 12.27 -11.92
N GLY G 88 -21.00 13.13 -12.82
CA GLY G 88 -21.65 14.42 -13.01
C GLY G 88 -22.98 14.31 -13.72
N ALA G 89 -23.10 13.38 -14.66
CA ALA G 89 -24.40 13.13 -15.28
C ALA G 89 -25.30 12.27 -14.41
N ALA G 90 -24.77 11.73 -13.32
CA ALA G 90 -25.60 10.95 -12.41
C ALA G 90 -26.52 11.84 -11.58
N ARG G 91 -26.09 13.06 -11.27
CA ARG G 91 -26.88 13.90 -10.39
C ARG G 91 -28.04 14.55 -11.12
N ASN G 92 -27.83 14.95 -12.37
CA ASN G 92 -28.86 15.65 -13.14
C ASN G 92 -28.62 15.47 -14.63
N PRO G 93 -29.07 14.34 -15.19
CA PRO G 93 -28.96 14.14 -16.64
C PRO G 93 -29.98 14.92 -17.45
N ASN G 94 -30.84 15.70 -16.78
CA ASN G 94 -31.75 16.60 -17.48
C ASN G 94 -30.98 17.69 -18.21
N ILE G 95 -29.95 18.22 -17.57
CA ILE G 95 -29.00 19.13 -18.22
C ILE G 95 -27.60 18.56 -18.01
N ALA G 96 -27.08 17.92 -19.06
CA ALA G 96 -25.72 17.40 -19.06
C ALA G 96 -24.97 17.72 -20.34
N LYS G 97 -25.61 18.34 -21.33
CA LYS G 97 -24.89 18.82 -22.49
C LYS G 97 -23.97 19.98 -22.14
N GLN G 98 -24.28 20.74 -21.09
CA GLN G 98 -23.35 21.74 -20.59
C GLN G 98 -22.12 21.07 -19.98
N LEU G 99 -22.33 19.94 -19.30
CA LEU G 99 -21.22 19.26 -18.63
C LEU G 99 -20.29 18.59 -19.64
N VAL G 100 -20.85 17.96 -20.67
CA VAL G 100 -20.03 17.46 -21.76
C VAL G 100 -19.46 18.63 -22.56
N GLY G 101 -20.22 19.72 -22.64
CA GLY G 101 -19.67 20.96 -23.19
C GLY G 101 -18.57 21.56 -22.35
N TYR G 102 -18.52 21.20 -21.06
CA TYR G 102 -17.36 21.50 -20.23
C TYR G 102 -16.34 20.38 -20.24
N ALA G 103 -16.75 19.17 -20.64
CA ALA G 103 -15.80 18.05 -20.65
C ALA G 103 -14.87 18.10 -21.85
N LEU G 104 -15.36 18.59 -22.98
CA LEU G 104 -14.49 18.78 -24.13
C LEU G 104 -13.60 20.01 -23.97
N LEU G 105 -13.92 20.90 -23.03
CA LEU G 105 -12.98 21.96 -22.68
C LEU G 105 -11.76 21.38 -21.99
N GLY G 106 -11.97 20.57 -20.95
CA GLY G 106 -10.86 20.08 -20.17
C GLY G 106 -10.03 19.02 -20.85
N PHE G 107 -10.63 18.26 -21.77
CA PHE G 107 -9.85 17.32 -22.56
C PHE G 107 -8.93 18.04 -23.51
N ALA G 108 -9.39 19.15 -24.09
CA ALA G 108 -8.55 19.96 -24.97
C ALA G 108 -7.41 20.59 -24.20
N LEU G 109 -7.62 20.91 -22.93
CA LEU G 109 -6.53 21.43 -22.13
C LEU G 109 -5.71 20.33 -21.49
N THR G 110 -6.17 19.09 -21.55
CA THR G 110 -5.33 17.97 -21.14
C THR G 110 -4.47 17.47 -22.29
N GLU G 111 -4.98 17.55 -23.53
CA GLU G 111 -4.13 17.34 -24.70
C GLU G 111 -3.12 18.46 -24.90
N SER G 112 -3.31 19.61 -24.24
CA SER G 112 -2.28 20.61 -24.08
C SER G 112 -1.28 20.28 -22.98
N ILE G 113 -1.33 19.06 -22.45
CA ILE G 113 -0.23 18.45 -21.74
C ILE G 113 0.32 17.24 -22.50
N ALA G 114 -0.57 16.49 -23.16
CA ALA G 114 -0.17 15.32 -23.93
C ALA G 114 0.72 15.70 -25.12
N LEU G 115 0.25 16.63 -25.95
CA LEU G 115 1.09 17.16 -27.02
C LEU G 115 2.22 18.01 -26.48
N PHE G 116 2.05 18.58 -25.29
CA PHE G 116 3.07 19.43 -24.68
C PHE G 116 4.26 18.63 -24.19
N SER G 117 4.09 17.32 -24.02
CA SER G 117 5.20 16.41 -23.76
C SER G 117 5.72 15.75 -25.02
N LEU G 118 4.85 15.47 -25.98
CA LEU G 118 5.29 14.97 -27.28
C LEU G 118 5.86 16.06 -28.17
N LEU G 119 5.80 17.32 -27.74
CA LEU G 119 6.65 18.34 -28.35
C LEU G 119 8.11 18.07 -28.05
N VAL G 120 8.41 17.48 -26.90
CA VAL G 120 9.79 17.23 -26.52
C VAL G 120 10.33 15.98 -27.20
N VAL G 121 9.48 14.96 -27.37
CA VAL G 121 9.93 13.66 -27.87
C VAL G 121 10.40 13.77 -29.31
N PHE G 122 9.64 14.47 -30.16
CA PHE G 122 10.10 14.70 -31.52
C PHE G 122 11.19 15.74 -31.59
N LEU G 123 11.33 16.60 -30.57
CA LEU G 123 12.46 17.50 -30.51
C LEU G 123 13.74 16.74 -30.20
N ILE G 124 13.63 15.62 -29.48
CA ILE G 124 14.79 14.78 -29.24
C ILE G 124 15.09 13.92 -30.46
N LEU G 125 14.06 13.34 -31.08
CA LEU G 125 14.28 12.49 -32.24
C LEU G 125 14.60 13.32 -33.48
N PHE G 126 13.65 14.14 -33.92
CA PHE G 126 13.79 14.81 -35.19
C PHE G 126 14.05 16.30 -35.02
N SER H 54 26.58 -2.72 -32.38
CA SER H 54 25.27 -2.19 -32.76
C SER H 54 24.46 -1.81 -31.54
N VAL H 55 24.86 -0.71 -30.90
CA VAL H 55 24.15 -0.24 -29.73
C VAL H 55 22.92 0.56 -30.16
N LEU H 56 22.90 1.03 -31.41
CA LEU H 56 21.75 1.73 -31.99
C LEU H 56 20.51 0.85 -32.00
N ALA H 57 20.62 -0.37 -32.53
CA ALA H 57 19.50 -1.29 -32.51
C ALA H 57 19.42 -2.04 -31.19
N ALA H 58 20.38 -1.82 -30.29
CA ALA H 58 20.30 -2.43 -28.97
C ALA H 58 19.61 -1.53 -27.96
N SER H 59 20.05 -0.28 -27.83
CA SER H 59 19.54 0.61 -26.79
C SER H 59 18.11 1.06 -27.03
N LYS H 60 17.58 0.90 -28.24
CA LYS H 60 16.17 1.19 -28.46
C LYS H 60 15.27 0.12 -27.89
N MET H 61 15.81 -1.04 -27.53
CA MET H 61 15.02 -2.09 -26.93
C MET H 61 14.77 -1.83 -25.45
N VAL H 62 15.67 -1.09 -24.80
CA VAL H 62 15.46 -0.71 -23.41
C VAL H 62 14.40 0.37 -23.32
N GLY H 63 14.52 1.40 -24.15
CA GLY H 63 13.52 2.45 -24.17
C GLY H 63 12.21 2.02 -24.81
N ALA H 64 12.22 0.85 -25.46
CA ALA H 64 10.97 0.25 -25.92
C ALA H 64 10.07 -0.09 -24.75
N GLY H 65 10.62 -0.78 -23.75
CA GLY H 65 9.81 -1.18 -22.62
C GLY H 65 9.49 -0.01 -21.71
N CYS H 66 10.44 0.92 -21.56
CA CYS H 66 10.21 2.11 -20.77
C CYS H 66 9.16 3.03 -21.36
N ALA H 67 8.94 2.97 -22.68
CA ALA H 67 7.93 3.80 -23.29
C ALA H 67 6.52 3.37 -22.94
N THR H 68 6.30 2.09 -22.64
CA THR H 68 4.97 1.60 -22.40
C THR H 68 4.51 1.78 -20.97
N ILE H 69 5.33 2.37 -20.11
CA ILE H 69 4.90 2.64 -18.74
C ILE H 69 3.89 3.77 -18.69
N ALA H 70 3.76 4.53 -19.78
CA ALA H 70 2.63 5.45 -19.92
C ALA H 70 1.29 4.73 -19.88
N LEU H 71 1.26 3.48 -20.33
CA LEU H 71 0.05 2.67 -20.29
C LEU H 71 -0.23 2.09 -18.91
N ALA H 72 0.55 2.44 -17.89
CA ALA H 72 0.14 2.13 -16.53
C ALA H 72 -1.04 3.02 -16.14
N GLY H 73 -0.79 4.33 -16.11
CA GLY H 73 -1.80 5.26 -15.66
C GLY H 73 -2.97 5.42 -16.61
N VAL H 74 -2.80 5.02 -17.88
CA VAL H 74 -3.95 4.90 -18.76
C VAL H 74 -4.87 3.80 -18.26
N GLY H 75 -4.28 2.69 -17.81
CA GLY H 75 -5.08 1.64 -17.17
C GLY H 75 -5.71 2.12 -15.87
N ALA H 76 -4.95 2.86 -15.07
CA ALA H 76 -5.51 3.43 -13.85
C ALA H 76 -6.48 4.57 -14.16
N GLY H 77 -6.33 5.21 -15.31
CA GLY H 77 -7.24 6.28 -15.68
C GLY H 77 -8.62 5.76 -16.03
N LEU H 78 -8.71 4.79 -16.92
CA LEU H 78 -10.02 4.26 -17.25
C LEU H 78 -10.50 3.19 -16.27
N GLY H 79 -9.91 3.12 -15.07
CA GLY H 79 -10.52 2.38 -13.99
C GLY H 79 -11.45 3.24 -13.16
N VAL H 80 -10.94 4.36 -12.65
CA VAL H 80 -11.77 5.34 -11.96
C VAL H 80 -12.78 5.96 -12.90
N MET H 81 -12.45 6.03 -14.19
CA MET H 81 -13.41 6.52 -15.17
C MET H 81 -14.56 5.55 -15.32
N PHE H 82 -14.27 4.26 -15.30
CA PHE H 82 -15.31 3.25 -15.30
C PHE H 82 -15.72 2.83 -13.91
N GLY H 83 -15.06 3.33 -12.86
CA GLY H 83 -15.59 3.15 -11.52
C GLY H 83 -16.79 4.05 -11.29
N SER H 84 -16.62 5.33 -11.57
CA SER H 84 -17.70 6.29 -11.39
C SER H 84 -18.83 6.14 -12.40
N LEU H 85 -18.62 5.35 -13.46
CA LEU H 85 -19.76 4.88 -14.25
C LEU H 85 -20.70 4.05 -13.41
N ILE H 86 -20.15 3.23 -12.52
CA ILE H 86 -21.00 2.36 -11.73
C ILE H 86 -21.65 3.12 -10.60
N ASN H 87 -20.89 4.03 -9.98
CA ASN H 87 -21.46 4.91 -8.96
C ASN H 87 -22.38 5.93 -9.60
N GLY H 88 -22.16 6.23 -10.88
CA GLY H 88 -23.06 7.12 -11.60
C GLY H 88 -24.41 6.49 -11.90
N ALA H 89 -24.41 5.19 -12.19
CA ALA H 89 -25.68 4.48 -12.36
C ALA H 89 -26.31 4.13 -11.03
N ALA H 90 -25.59 4.32 -9.93
CA ALA H 90 -26.18 4.05 -8.62
C ALA H 90 -27.18 5.10 -8.22
N ARG H 91 -26.99 6.34 -8.64
CA ARG H 91 -27.85 7.43 -8.19
C ARG H 91 -29.18 7.43 -8.94
N ASN H 92 -29.16 7.13 -10.24
CA ASN H 92 -30.37 7.17 -11.07
C ASN H 92 -30.21 6.26 -12.26
N PRO H 93 -30.47 4.96 -12.08
CA PRO H 93 -30.44 4.02 -13.22
C PRO H 93 -31.67 4.12 -14.12
N ASN H 94 -32.61 5.02 -13.81
CA ASN H 94 -33.73 5.28 -14.69
C ASN H 94 -33.25 5.89 -16.00
N ILE H 95 -32.30 6.82 -15.91
CA ILE H 95 -31.61 7.34 -17.09
C ILE H 95 -30.11 7.16 -16.87
N ALA H 96 -29.56 6.14 -17.52
CA ALA H 96 -28.13 5.87 -17.48
C ALA H 96 -27.57 5.55 -18.86
N LYS H 97 -28.40 5.47 -19.90
CA LYS H 97 -27.88 5.34 -21.25
C LYS H 97 -27.18 6.61 -21.70
N GLN H 98 -27.57 7.76 -21.16
CA GLN H 98 -26.81 8.98 -21.39
C GLN H 98 -25.44 8.91 -20.77
N LEU H 99 -25.34 8.30 -19.59
CA LEU H 99 -24.08 8.23 -18.86
C LEU H 99 -23.12 7.25 -19.53
N VAL H 100 -23.62 6.10 -19.98
CA VAL H 100 -22.80 5.21 -20.79
C VAL H 100 -22.55 5.83 -22.15
N GLY H 101 -23.51 6.61 -22.65
CA GLY H 101 -23.27 7.42 -23.85
C GLY H 101 -22.25 8.51 -23.63
N TYR H 102 -22.02 8.90 -22.37
CA TYR H 102 -20.89 9.74 -22.03
C TYR H 102 -19.66 8.92 -21.64
N ALA H 103 -19.85 7.65 -21.29
CA ALA H 103 -18.72 6.83 -20.89
C ALA H 103 -17.91 6.36 -22.09
N LEU H 104 -18.58 6.10 -23.22
CA LEU H 104 -17.85 5.75 -24.42
C LEU H 104 -17.22 6.98 -25.07
N LEU H 105 -17.64 8.18 -24.68
CA LEU H 105 -16.90 9.38 -25.09
C LEU H 105 -15.54 9.42 -24.43
N GLY H 106 -15.50 9.27 -23.11
CA GLY H 106 -14.25 9.40 -22.39
C GLY H 106 -13.29 8.26 -22.57
N PHE H 107 -13.79 7.06 -22.85
CA PHE H 107 -12.91 5.95 -23.17
C PHE H 107 -12.23 6.17 -24.51
N ALA H 108 -12.95 6.73 -25.47
CA ALA H 108 -12.36 7.04 -26.77
C ALA H 108 -11.31 8.13 -26.66
N LEU H 109 -11.48 9.05 -25.71
CA LEU H 109 -10.45 10.05 -25.49
C LEU H 109 -9.38 9.57 -24.53
N THR H 110 -9.58 8.44 -23.87
CA THR H 110 -8.51 7.83 -23.10
C THR H 110 -7.66 6.90 -23.97
N GLU H 111 -8.28 6.26 -24.95
CA GLU H 111 -7.50 5.56 -25.98
C GLU H 111 -6.75 6.52 -26.90
N SER H 112 -7.12 7.80 -26.89
CA SER H 112 -6.30 8.87 -27.46
C SER H 112 -5.17 9.29 -26.53
N ILE H 113 -4.94 8.55 -25.46
CA ILE H 113 -3.67 8.56 -24.74
C ILE H 113 -2.96 7.22 -24.86
N ALA H 114 -3.73 6.13 -24.88
CA ALA H 114 -3.17 4.79 -25.00
C ALA H 114 -2.47 4.58 -26.34
N LEU H 115 -3.18 4.86 -27.44
CA LEU H 115 -2.56 4.83 -28.75
C LEU H 115 -1.58 5.98 -28.95
N PHE H 116 -1.76 7.08 -28.20
CA PHE H 116 -0.88 8.24 -28.30
C PHE H 116 0.48 7.98 -27.68
N SER H 117 0.59 6.95 -26.84
CA SER H 117 1.87 6.48 -26.35
C SER H 117 2.41 5.31 -27.16
N LEU H 118 1.54 4.46 -27.69
CA LEU H 118 1.96 3.40 -28.60
C LEU H 118 2.23 3.91 -30.01
N LEU H 119 1.96 5.19 -30.27
CA LEU H 119 2.53 5.83 -31.45
C LEU H 119 4.04 5.95 -31.32
N VAL H 120 4.54 6.11 -30.10
CA VAL H 120 5.96 6.27 -29.91
C VAL H 120 6.69 4.92 -29.92
N VAL H 121 6.05 3.88 -29.40
CA VAL H 121 6.70 2.57 -29.24
C VAL H 121 7.02 1.97 -30.60
N PHE H 122 6.08 2.00 -31.52
CA PHE H 122 6.36 1.52 -32.87
C PHE H 122 7.22 2.49 -33.66
N LEU H 123 7.26 3.77 -33.25
CA LEU H 123 8.19 4.71 -33.86
C LEU H 123 9.63 4.39 -33.44
N ILE H 124 9.79 3.84 -32.25
CA ILE H 124 11.11 3.40 -31.81
C ILE H 124 11.48 2.07 -32.46
N LEU H 125 10.54 1.13 -32.50
CA LEU H 125 10.84 -0.18 -33.08
C LEU H 125 10.88 -0.10 -34.61
N PHE H 126 9.75 0.22 -35.22
CA PHE H 126 9.64 0.12 -36.66
C PHE H 126 9.62 1.51 -37.32
N SER I 54 26.60 -9.58 -28.31
CA SER I 54 25.19 -9.69 -28.63
C SER I 54 24.36 -8.82 -27.71
N VAL I 55 24.43 -7.51 -27.93
CA VAL I 55 23.66 -6.58 -27.11
C VAL I 55 22.23 -6.50 -27.65
N LEU I 56 22.02 -6.92 -28.91
CA LEU I 56 20.69 -6.99 -29.51
C LEU I 56 19.76 -7.93 -28.74
N ALA I 57 20.22 -9.16 -28.47
CA ALA I 57 19.42 -10.08 -27.67
C ALA I 57 19.63 -9.85 -26.19
N ALA I 58 20.52 -8.92 -25.81
CA ALA I 58 20.68 -8.59 -24.41
C ALA I 58 19.80 -7.42 -23.99
N SER I 59 19.85 -6.31 -24.70
CA SER I 59 19.14 -5.11 -24.30
C SER I 59 17.63 -5.21 -24.45
N LYS I 60 17.13 -6.19 -25.18
CA LYS I 60 15.69 -6.40 -25.21
C LYS I 60 15.17 -7.05 -23.94
N MET I 61 16.07 -7.59 -23.11
CA MET I 61 15.64 -8.19 -21.86
C MET I 61 15.39 -7.13 -20.79
N VAL I 62 16.06 -5.98 -20.90
CA VAL I 62 15.80 -4.88 -19.98
C VAL I 62 14.47 -4.23 -20.31
N GLY I 63 14.23 -3.94 -21.59
CA GLY I 63 12.95 -3.36 -21.99
C GLY I 63 11.82 -4.36 -21.95
N ALA I 64 12.15 -5.65 -21.79
CA ALA I 64 11.13 -6.65 -21.53
C ALA I 64 10.42 -6.38 -20.22
N GLY I 65 11.19 -6.17 -19.15
CA GLY I 65 10.60 -5.94 -17.86
C GLY I 65 9.98 -4.56 -17.76
N CYS I 66 10.61 -3.57 -18.38
CA CYS I 66 10.07 -2.22 -18.39
C CYS I 66 8.76 -2.12 -19.16
N ALA I 67 8.52 -3.02 -20.11
CA ALA I 67 7.27 -2.99 -20.87
C ALA I 67 6.07 -3.39 -20.02
N THR I 68 6.26 -4.22 -19.01
CA THR I 68 5.14 -4.74 -18.23
C THR I 68 4.72 -3.81 -17.12
N ILE I 69 5.37 -2.66 -16.96
CA ILE I 69 4.93 -1.70 -15.95
C ILE I 69 3.63 -1.02 -16.34
N ALA I 70 3.22 -1.15 -17.61
CA ALA I 70 1.87 -0.78 -18.02
C ALA I 70 0.82 -1.59 -17.28
N LEU I 71 1.14 -2.81 -16.89
CA LEU I 71 0.24 -3.66 -16.12
C LEU I 71 0.21 -3.31 -14.63
N ALA I 72 0.88 -2.25 -14.22
CA ALA I 72 0.64 -1.73 -12.88
C ALA I 72 -0.72 -1.07 -12.84
N GLY I 73 -0.88 0.00 -13.62
CA GLY I 73 -2.12 0.77 -13.57
C GLY I 73 -3.31 0.05 -14.17
N VAL I 74 -3.08 -0.99 -14.97
CA VAL I 74 -4.18 -1.87 -15.34
C VAL I 74 -4.70 -2.59 -14.10
N GLY I 75 -3.79 -3.04 -13.24
CA GLY I 75 -4.21 -3.60 -11.96
C GLY I 75 -4.89 -2.58 -11.08
N ALA I 76 -4.36 -1.36 -11.04
CA ALA I 76 -5.03 -0.29 -10.29
C ALA I 76 -6.29 0.18 -10.98
N GLY I 77 -6.40 -0.03 -12.29
CA GLY I 77 -7.60 0.37 -13.00
C GLY I 77 -8.78 -0.53 -12.67
N LEU I 78 -8.59 -1.83 -12.79
CA LEU I 78 -9.70 -2.72 -12.45
C LEU I 78 -9.79 -3.01 -10.95
N GLY I 79 -9.17 -2.21 -10.11
CA GLY I 79 -9.48 -2.23 -8.70
C GLY I 79 -10.59 -1.27 -8.33
N VAL I 80 -10.41 0.01 -8.70
CA VAL I 80 -11.48 1.00 -8.54
C VAL I 80 -12.66 0.67 -9.42
N MET I 81 -12.42 0.00 -10.55
CA MET I 81 -13.52 -0.44 -11.40
C MET I 81 -14.34 -1.52 -10.69
N PHE I 82 -13.67 -2.41 -9.98
CA PHE I 82 -14.36 -3.41 -9.18
C PHE I 82 -14.56 -2.95 -7.75
N GLY I 83 -14.04 -1.78 -7.37
CA GLY I 83 -14.43 -1.21 -6.10
C GLY I 83 -15.83 -0.63 -6.17
N SER I 84 -16.07 0.21 -7.17
CA SER I 84 -17.38 0.81 -7.35
C SER I 84 -18.46 -0.17 -7.81
N LEU I 85 -18.07 -1.38 -8.22
CA LEU I 85 -19.04 -2.46 -8.33
C LEU I 85 -19.65 -2.77 -6.99
N ILE I 86 -18.85 -2.72 -5.93
CA ILE I 86 -19.36 -3.08 -4.61
C ILE I 86 -20.15 -1.93 -4.02
N ASN I 87 -19.68 -0.70 -4.23
CA ASN I 87 -20.44 0.46 -3.81
C ASN I 87 -21.66 0.65 -4.71
N GLY I 88 -21.60 0.13 -5.94
CA GLY I 88 -22.75 0.17 -6.81
C GLY I 88 -23.85 -0.78 -6.39
N ALA I 89 -23.48 -1.94 -5.87
CA ALA I 89 -24.48 -2.85 -5.32
C ALA I 89 -24.91 -2.44 -3.92
N ALA I 90 -24.25 -1.46 -3.33
CA ALA I 90 -24.66 -0.98 -2.02
C ALA I 90 -25.92 -0.13 -2.09
N ARG I 91 -26.13 0.58 -3.19
CA ARG I 91 -27.26 1.49 -3.28
C ARG I 91 -28.55 0.75 -3.57
N ASN I 92 -28.50 -0.28 -4.42
CA ASN I 92 -29.69 -1.01 -4.83
C ASN I 92 -29.33 -2.41 -5.28
N PRO I 93 -29.17 -3.34 -4.33
CA PRO I 93 -28.91 -4.74 -4.69
C PRO I 93 -30.15 -5.49 -5.18
N ASN I 94 -31.30 -4.81 -5.25
CA ASN I 94 -32.49 -5.40 -5.85
C ASN I 94 -32.27 -5.64 -7.34
N ILE I 95 -31.65 -4.68 -8.02
CA ILE I 95 -31.20 -4.87 -9.39
C ILE I 95 -29.70 -4.55 -9.44
N ALA I 96 -28.90 -5.60 -9.47
CA ALA I 96 -27.46 -5.48 -9.61
C ALA I 96 -26.88 -6.46 -10.62
N LYS I 97 -27.69 -7.34 -11.21
CA LYS I 97 -27.22 -8.16 -12.31
C LYS I 97 -26.96 -7.34 -13.56
N GLN I 98 -27.64 -6.20 -13.71
CA GLN I 98 -27.30 -5.27 -14.78
C GLN I 98 -25.94 -4.64 -14.53
N LEU I 99 -25.62 -4.35 -13.27
CA LEU I 99 -24.36 -3.69 -12.94
C LEU I 99 -23.19 -4.64 -13.11
N VAL I 100 -23.34 -5.89 -12.69
CA VAL I 100 -22.32 -6.89 -12.99
C VAL I 100 -22.33 -7.21 -14.47
N GLY I 101 -23.50 -7.14 -15.11
CA GLY I 101 -23.56 -7.22 -16.56
C GLY I 101 -22.91 -6.04 -17.25
N TYR I 102 -22.76 -4.91 -16.54
CA TYR I 102 -21.92 -3.82 -17.01
C TYR I 102 -20.49 -3.95 -16.50
N ALA I 103 -20.26 -4.73 -15.44
CA ALA I 103 -18.92 -4.86 -14.90
C ALA I 103 -18.06 -5.80 -15.75
N LEU I 104 -18.67 -6.82 -16.34
CA LEU I 104 -17.93 -7.68 -17.24
C LEU I 104 -17.72 -7.02 -18.59
N LEU I 105 -18.46 -5.95 -18.89
CA LEU I 105 -18.15 -5.14 -20.06
C LEU I 105 -16.82 -4.42 -19.88
N GLY I 106 -16.68 -3.71 -18.75
CA GLY I 106 -15.51 -2.89 -18.54
C GLY I 106 -14.25 -3.66 -18.24
N PHE I 107 -14.39 -4.84 -17.64
CA PHE I 107 -13.22 -5.70 -17.45
C PHE I 107 -12.70 -6.22 -18.78
N ALA I 108 -13.60 -6.54 -19.70
CA ALA I 108 -13.19 -6.99 -21.03
C ALA I 108 -12.51 -5.87 -21.79
N LEU I 109 -12.90 -4.63 -21.55
CA LEU I 109 -12.22 -3.51 -22.19
C LEU I 109 -11.02 -3.05 -21.39
N THR I 110 -10.84 -3.55 -20.16
CA THR I 110 -9.60 -3.30 -19.44
C THR I 110 -8.54 -4.36 -19.78
N GLU I 111 -8.97 -5.59 -20.05
CA GLU I 111 -8.08 -6.59 -20.62
C GLU I 111 -7.69 -6.27 -22.05
N SER I 112 -8.42 -5.37 -22.71
CA SER I 112 -7.99 -4.74 -23.95
C SER I 112 -7.01 -3.60 -23.72
N ILE I 113 -6.51 -3.45 -22.50
CA ILE I 113 -5.28 -2.73 -22.22
C ILE I 113 -4.20 -3.67 -21.69
N ALA I 114 -4.60 -4.68 -20.90
CA ALA I 114 -3.66 -5.65 -20.34
C ALA I 114 -3.01 -6.49 -21.43
N LEU I 115 -3.81 -7.10 -22.30
CA LEU I 115 -3.26 -7.81 -23.46
C LEU I 115 -2.68 -6.83 -24.48
N PHE I 116 -3.15 -5.59 -24.49
CA PHE I 116 -2.68 -4.59 -25.43
C PHE I 116 -1.27 -4.12 -25.10
N SER I 117 -0.82 -4.35 -23.86
CA SER I 117 0.56 -4.14 -23.47
C SER I 117 1.39 -5.40 -23.57
N LEU I 118 0.80 -6.56 -23.29
CA LEU I 118 1.47 -7.83 -23.48
C LEU I 118 1.53 -8.26 -24.95
N LEU I 119 0.86 -7.52 -25.84
CA LEU I 119 1.16 -7.64 -27.26
C LEU I 119 2.57 -7.14 -27.56
N VAL I 120 3.05 -6.17 -26.79
CA VAL I 120 4.37 -5.61 -27.05
C VAL I 120 5.46 -6.49 -26.44
N VAL I 121 5.19 -7.11 -25.29
CA VAL I 121 6.21 -7.85 -24.56
C VAL I 121 6.65 -9.08 -25.34
N PHE I 122 5.70 -9.83 -25.87
CA PHE I 122 6.06 -10.96 -26.72
C PHE I 122 6.55 -10.52 -28.09
N LEU I 123 6.22 -9.30 -28.52
CA LEU I 123 6.80 -8.77 -29.75
C LEU I 123 8.27 -8.45 -29.53
N ILE I 124 8.65 -8.09 -28.31
CA ILE I 124 10.05 -7.88 -28.01
C ILE I 124 10.79 -9.20 -27.83
N LEU I 125 10.18 -10.14 -27.11
CA LEU I 125 10.82 -11.43 -26.88
C LEU I 125 10.78 -12.30 -28.12
N PHE I 126 9.58 -12.67 -28.55
CA PHE I 126 9.44 -13.67 -29.60
C PHE I 126 8.97 -13.03 -30.91
N SER J 54 28.96 -13.36 -20.37
CA SER J 54 27.59 -13.85 -20.35
C SER J 54 26.64 -12.77 -19.87
N VAL J 55 26.41 -11.77 -20.73
CA VAL J 55 25.50 -10.69 -20.39
C VAL J 55 24.06 -11.13 -20.66
N LEU J 56 23.88 -12.17 -21.47
CA LEU J 56 22.56 -12.76 -21.73
C LEU J 56 21.91 -13.28 -20.45
N ALA J 57 22.63 -14.09 -19.69
CA ALA J 57 22.11 -14.57 -18.41
C ALA J 57 22.35 -13.56 -17.31
N ALA J 58 23.03 -12.45 -17.60
CA ALA J 58 23.20 -11.41 -16.61
C ALA J 58 22.10 -10.35 -16.68
N SER J 59 21.87 -9.80 -17.86
CA SER J 59 20.94 -8.68 -18.01
C SER J 59 19.48 -9.08 -17.84
N LYS J 60 19.16 -10.37 -17.88
CA LYS J 60 17.80 -10.79 -17.58
C LYS J 60 17.52 -10.74 -16.08
N MET J 61 18.55 -10.61 -15.25
CA MET J 61 18.34 -10.52 -13.82
C MET J 61 17.93 -9.11 -13.40
N VAL J 62 18.32 -8.10 -14.19
CA VAL J 62 17.88 -6.73 -13.93
C VAL J 62 16.42 -6.57 -14.32
N GLY J 63 16.05 -7.04 -15.50
CA GLY J 63 14.67 -6.97 -15.93
C GLY J 63 13.78 -7.97 -15.21
N ALA J 64 14.39 -8.90 -14.48
CA ALA J 64 13.63 -9.76 -13.59
C ALA J 64 12.96 -8.96 -12.49
N GLY J 65 13.72 -8.10 -11.82
CA GLY J 65 13.16 -7.31 -10.74
C GLY J 65 12.26 -6.20 -11.25
N CYS J 66 12.63 -5.62 -12.39
CA CYS J 66 11.80 -4.58 -12.98
C CYS J 66 10.46 -5.10 -13.48
N ALA J 67 10.38 -6.39 -13.79
CA ALA J 67 9.10 -6.96 -14.24
C ALA J 67 8.07 -7.04 -13.13
N THR J 68 8.50 -7.16 -11.88
CA THR J 68 7.57 -7.36 -10.78
C THR J 68 7.02 -6.07 -10.22
N ILE J 69 7.40 -4.92 -10.79
CA ILE J 69 6.83 -3.65 -10.34
C ILE J 69 5.39 -3.50 -10.80
N ALA J 70 4.95 -4.33 -11.75
CA ALA J 70 3.53 -4.46 -12.05
C ALA J 70 2.72 -4.90 -10.85
N LEU J 71 3.32 -5.68 -9.96
CA LEU J 71 2.68 -6.12 -8.74
C LEU J 71 2.65 -5.05 -7.65
N ALA J 72 3.10 -3.83 -7.93
CA ALA J 72 2.83 -2.73 -7.02
C ALA J 72 1.36 -2.37 -7.10
N GLY J 73 0.93 -1.91 -8.27
CA GLY J 73 -0.44 -1.45 -8.42
C GLY J 73 -1.48 -2.55 -8.37
N VAL J 74 -1.08 -3.80 -8.57
CA VAL J 74 -1.98 -4.90 -8.26
C VAL J 74 -2.25 -4.94 -6.76
N GLY J 75 -1.22 -4.71 -5.94
CA GLY J 75 -1.44 -4.57 -4.52
C GLY J 75 -2.27 -3.36 -4.17
N ALA J 76 -2.02 -2.23 -4.85
CA ALA J 76 -2.85 -1.05 -4.64
C ALA J 76 -4.24 -1.22 -5.25
N GLY J 77 -4.36 -2.10 -6.24
CA GLY J 77 -5.67 -2.33 -6.85
C GLY J 77 -6.60 -3.09 -5.92
N LEU J 78 -6.14 -4.22 -5.39
CA LEU J 78 -7.01 -4.95 -4.48
C LEU J 78 -6.95 -4.42 -3.05
N GLY J 79 -6.46 -3.20 -2.83
CA GLY J 79 -6.68 -2.53 -1.58
C GLY J 79 -7.95 -1.71 -1.58
N VAL J 80 -8.08 -0.80 -2.56
CA VAL J 80 -9.32 -0.07 -2.75
C VAL J 80 -10.46 -0.99 -3.14
N MET J 81 -10.14 -2.11 -3.79
CA MET J 81 -11.17 -3.09 -4.11
C MET J 81 -11.68 -3.75 -2.84
N PHE J 82 -10.80 -4.02 -1.90
CA PHE J 82 -11.21 -4.53 -0.60
C PHE J 82 -11.42 -3.43 0.41
N GLY J 83 -11.14 -2.17 0.06
CA GLY J 83 -11.59 -1.07 0.91
C GLY J 83 -13.08 -0.85 0.78
N SER J 84 -13.56 -0.72 -0.44
CA SER J 84 -14.97 -0.51 -0.69
C SER J 84 -15.82 -1.74 -0.40
N LEU J 85 -15.21 -2.91 -0.21
CA LEU J 85 -15.93 -4.03 0.40
C LEU J 85 -16.38 -3.67 1.80
N ILE J 86 -15.55 -2.94 2.54
CA ILE J 86 -15.89 -2.63 3.91
C ILE J 86 -16.88 -1.48 3.97
N ASN J 87 -16.70 -0.49 3.09
CA ASN J 87 -17.67 0.58 2.99
C ASN J 87 -18.95 0.08 2.32
N GLY J 88 -18.84 -1.00 1.54
CA GLY J 88 -20.04 -1.61 0.96
C GLY J 88 -20.87 -2.35 1.98
N ALA J 89 -20.22 -3.00 2.95
CA ALA J 89 -20.97 -3.62 4.03
C ALA J 89 -21.40 -2.60 5.08
N ALA J 90 -20.93 -1.37 4.98
CA ALA J 90 -21.36 -0.34 5.91
C ALA J 90 -22.78 0.13 5.64
N ARG J 91 -23.20 0.11 4.38
CA ARG J 91 -24.51 0.65 4.03
C ARG J 91 -25.63 -0.32 4.36
N ASN J 92 -25.39 -1.62 4.16
CA ASN J 92 -26.42 -2.63 4.37
C ASN J 92 -25.79 -3.98 4.64
N PRO J 93 -25.37 -4.23 5.89
CA PRO J 93 -24.84 -5.55 6.25
C PRO J 93 -25.90 -6.62 6.41
N ASN J 94 -27.18 -6.28 6.20
CA ASN J 94 -28.24 -7.28 6.18
C ASN J 94 -28.06 -8.22 5.00
N ILE J 95 -27.70 -7.69 3.85
CA ILE J 95 -27.30 -8.49 2.69
C ILE J 95 -25.92 -8.01 2.25
N ALA J 96 -24.91 -8.79 2.62
CA ALA J 96 -23.53 -8.54 2.21
C ALA J 96 -22.82 -9.79 1.74
N LYS J 97 -23.45 -10.97 1.83
CA LYS J 97 -22.87 -12.16 1.23
C LYS J 97 -22.87 -12.09 -0.29
N GLN J 98 -23.80 -11.32 -0.87
CA GLN J 98 -23.74 -11.06 -2.30
C GLN J 98 -22.52 -10.19 -2.64
N LEU J 99 -22.20 -9.24 -1.77
CA LEU J 99 -21.11 -8.32 -2.02
C LEU J 99 -19.75 -9.01 -1.88
N VAL J 100 -19.61 -9.86 -0.87
CA VAL J 100 -18.42 -10.69 -0.78
C VAL J 100 -18.44 -11.75 -1.87
N GLY J 101 -19.64 -12.20 -2.26
CA GLY J 101 -19.76 -13.04 -3.44
C GLY J 101 -19.41 -12.32 -4.73
N TYR J 102 -19.48 -10.98 -4.72
CA TYR J 102 -18.93 -10.18 -5.80
C TYR J 102 -17.48 -9.80 -5.54
N ALA J 103 -17.02 -9.86 -4.29
CA ALA J 103 -15.65 -9.48 -3.98
C ALA J 103 -14.66 -10.57 -4.36
N LEU J 104 -15.06 -11.83 -4.24
CA LEU J 104 -14.20 -12.91 -4.70
C LEU J 104 -14.23 -13.04 -6.21
N LEU J 105 -15.20 -12.42 -6.89
CA LEU J 105 -15.14 -12.31 -8.34
C LEU J 105 -14.00 -11.40 -8.76
N GLY J 106 -13.95 -10.19 -8.19
CA GLY J 106 -12.97 -9.21 -8.62
C GLY J 106 -11.56 -9.50 -8.17
N PHE J 107 -11.40 -10.20 -7.05
CA PHE J 107 -10.06 -10.63 -6.64
C PHE J 107 -9.51 -11.68 -7.59
N ALA J 108 -10.38 -12.58 -8.07
CA ALA J 108 -9.96 -13.58 -9.03
C ALA J 108 -9.58 -12.95 -10.36
N LEU J 109 -10.23 -11.84 -10.72
CA LEU J 109 -9.84 -11.15 -11.92
C LEU J 109 -8.71 -10.14 -11.68
N THR J 110 -8.37 -9.89 -10.42
CA THR J 110 -7.18 -9.10 -10.13
C THR J 110 -5.94 -10.00 -10.06
N GLU J 111 -6.10 -11.24 -9.58
CA GLU J 111 -5.04 -12.23 -9.71
C GLU J 111 -4.82 -12.66 -11.16
N SER J 112 -5.76 -12.38 -12.05
CA SER J 112 -5.55 -12.44 -13.49
C SER J 112 -4.83 -11.21 -14.03
N ILE J 113 -4.30 -10.36 -13.14
CA ILE J 113 -3.25 -9.43 -13.48
C ILE J 113 -1.96 -9.76 -12.73
N ALA J 114 -2.09 -10.25 -11.49
CA ALA J 114 -0.93 -10.61 -10.68
C ALA J 114 -0.17 -11.78 -11.29
N LEU J 115 -0.87 -12.89 -11.58
CA LEU J 115 -0.25 -13.99 -12.29
C LEU J 115 0.04 -13.63 -13.74
N PHE J 116 -0.69 -12.68 -14.30
CA PHE J 116 -0.49 -12.26 -15.68
C PHE J 116 0.79 -11.47 -15.86
N SER J 117 1.35 -10.94 -14.78
CA SER J 117 2.68 -10.35 -14.79
C SER J 117 3.76 -11.32 -14.35
N LEU J 118 3.45 -12.24 -13.44
CA LEU J 118 4.37 -13.30 -13.08
C LEU J 118 4.43 -14.41 -14.11
N LEU J 119 3.58 -14.37 -15.13
CA LEU J 119 3.81 -15.17 -16.32
C LEU J 119 5.05 -14.69 -17.05
N VAL J 120 5.35 -13.40 -16.98
CA VAL J 120 6.51 -12.87 -17.69
C VAL J 120 7.80 -13.10 -16.91
N VAL J 121 7.73 -13.05 -15.58
CA VAL J 121 8.93 -13.13 -14.74
C VAL J 121 9.58 -14.50 -14.86
N PHE J 122 8.79 -15.56 -14.77
CA PHE J 122 9.33 -16.89 -14.99
C PHE J 122 9.63 -17.17 -16.45
N LEU J 123 9.02 -16.43 -17.37
CA LEU J 123 9.41 -16.54 -18.77
C LEU J 123 10.78 -15.93 -19.01
N ILE J 124 11.14 -14.94 -18.20
CA ILE J 124 12.49 -14.37 -18.28
C ILE J 124 13.49 -15.27 -17.59
N LEU J 125 13.14 -15.77 -16.41
CA LEU J 125 14.07 -16.62 -15.66
C LEU J 125 14.14 -18.02 -16.26
N PHE J 126 13.03 -18.74 -16.24
CA PHE J 126 13.06 -20.15 -16.62
C PHE J 126 12.39 -20.38 -17.97
N SER K 96 -5.34 -39.35 37.93
CA SER K 96 -5.03 -38.60 39.13
C SER K 96 -3.86 -37.69 38.88
N VAL K 97 -4.03 -36.73 37.97
CA VAL K 97 -2.91 -35.88 37.59
C VAL K 97 -2.69 -34.83 38.65
N ARG K 98 -3.64 -33.90 38.78
CA ARG K 98 -3.47 -32.74 39.64
C ARG K 98 -4.85 -32.30 40.10
N ASP K 99 -4.93 -31.79 41.33
CA ASP K 99 -6.14 -31.10 41.77
C ASP K 99 -6.06 -29.70 41.19
N VAL K 100 -6.79 -29.48 40.11
CA VAL K 100 -6.80 -28.18 39.47
C VAL K 100 -7.70 -27.25 40.27
N LYS K 101 -7.31 -26.00 40.37
CA LYS K 101 -8.20 -25.00 40.94
C LYS K 101 -9.37 -24.82 39.99
N THR K 102 -10.53 -24.46 40.56
CA THR K 102 -11.74 -24.36 39.74
C THR K 102 -11.68 -23.17 38.79
N GLY K 103 -11.25 -22.02 39.29
CA GLY K 103 -11.24 -20.83 38.47
C GLY K 103 -9.89 -20.20 38.24
N SER K 104 -8.87 -21.01 37.95
CA SER K 104 -7.52 -20.49 37.82
C SER K 104 -7.36 -19.66 36.56
N LEU K 105 -6.21 -19.03 36.43
CA LEU K 105 -6.01 -18.10 35.34
C LEU K 105 -5.78 -18.79 33.99
N PRO K 106 -4.94 -19.83 33.83
CA PRO K 106 -4.88 -20.47 32.52
C PRO K 106 -6.06 -21.36 32.23
N THR K 107 -6.89 -21.68 33.22
CA THR K 107 -8.15 -22.34 32.90
C THR K 107 -9.10 -21.36 32.25
N ASN K 108 -9.22 -20.17 32.82
CA ASN K 108 -10.10 -19.16 32.27
C ASN K 108 -9.51 -18.50 31.04
N PHE K 109 -8.19 -18.46 30.91
CA PHE K 109 -7.65 -17.86 29.70
C PHE K 109 -7.81 -18.79 28.52
N LEU K 110 -7.65 -20.08 28.74
CA LEU K 110 -7.71 -21.02 27.62
C LEU K 110 -9.13 -21.16 27.12
N THR K 111 -10.09 -21.38 28.01
CA THR K 111 -11.43 -21.64 27.52
C THR K 111 -12.13 -20.39 27.03
N GLY K 112 -11.54 -19.21 27.22
CA GLY K 112 -11.97 -18.06 26.47
C GLY K 112 -11.43 -18.08 25.07
N VAL K 113 -10.22 -18.61 24.90
CA VAL K 113 -9.63 -18.71 23.58
C VAL K 113 -10.33 -19.80 22.78
N TYR K 114 -10.59 -20.94 23.42
CA TYR K 114 -11.20 -22.05 22.69
C TYR K 114 -12.64 -21.76 22.32
N ARG K 115 -13.37 -21.04 23.17
CA ARG K 115 -14.71 -20.67 22.75
C ARG K 115 -14.70 -19.51 21.78
N PHE K 116 -13.55 -18.89 21.54
CA PHE K 116 -13.47 -17.89 20.50
C PHE K 116 -13.24 -18.54 19.14
N TRP K 117 -12.30 -19.48 19.06
CA TRP K 117 -12.00 -20.10 17.78
C TRP K 117 -13.09 -21.05 17.33
N ARG K 118 -13.74 -21.71 18.28
CA ARG K 118 -14.91 -22.51 17.95
C ARG K 118 -16.04 -21.61 17.46
N SER K 119 -16.10 -20.38 17.96
CA SER K 119 -17.10 -19.43 17.49
C SER K 119 -16.78 -18.84 16.13
N GLN K 120 -15.64 -19.19 15.53
CA GLN K 120 -15.39 -18.68 14.20
C GLN K 120 -16.17 -19.45 13.15
N ASN K 121 -16.22 -20.77 13.27
CA ASN K 121 -17.04 -21.54 12.35
C ASN K 121 -18.18 -22.22 13.07
N PRO K 122 -19.29 -21.53 13.32
CA PRO K 122 -20.41 -22.20 13.96
C PRO K 122 -21.14 -23.08 12.96
N ALA K 123 -21.89 -24.02 13.50
CA ALA K 123 -22.66 -24.92 12.64
C ALA K 123 -23.83 -24.16 12.03
N GLU K 124 -24.28 -24.65 10.89
CA GLU K 124 -25.36 -24.00 10.18
C GLU K 124 -26.68 -24.24 10.89
N LYS K 125 -27.50 -23.19 10.97
CA LYS K 125 -28.82 -23.31 11.57
C LYS K 125 -29.66 -24.27 10.74
N PRO K 126 -30.22 -25.31 11.33
CA PRO K 126 -30.81 -26.39 10.55
C PRO K 126 -32.16 -26.00 9.97
N HIS K 127 -32.69 -26.90 9.14
CA HIS K 127 -33.81 -26.59 8.27
C HIS K 127 -35.16 -26.85 8.92
N ASP K 128 -35.20 -27.11 10.22
CA ASP K 128 -36.44 -27.30 10.95
C ASP K 128 -36.17 -26.95 12.40
N PRO K 129 -37.21 -26.93 13.26
CA PRO K 129 -36.93 -26.84 14.71
C PRO K 129 -36.19 -28.06 15.22
N VAL K 130 -35.25 -27.81 16.13
CA VAL K 130 -34.45 -28.89 16.72
C VAL K 130 -35.32 -29.61 17.73
N ASN K 131 -35.78 -30.79 17.37
CA ASN K 131 -36.61 -31.61 18.23
C ASN K 131 -35.72 -32.53 19.04
N ASP K 132 -36.33 -33.51 19.69
CA ASP K 132 -35.61 -34.65 20.25
C ASP K 132 -35.45 -35.77 19.25
N ARG K 133 -35.94 -35.58 18.02
CA ARG K 133 -35.67 -36.48 16.93
C ARG K 133 -34.70 -35.92 15.91
N LEU K 134 -34.42 -34.62 15.97
CA LEU K 134 -33.39 -34.05 15.11
C LEU K 134 -32.02 -34.20 15.70
N LEU K 135 -31.93 -34.49 16.98
CA LEU K 135 -30.65 -34.68 17.65
C LEU K 135 -29.76 -35.76 17.03
N PRO K 136 -30.23 -36.89 16.48
CA PRO K 136 -29.29 -37.79 15.79
C PRO K 136 -28.74 -37.25 14.48
N ALA K 137 -29.27 -36.16 13.96
CA ALA K 137 -28.62 -35.49 12.85
C ALA K 137 -27.81 -34.29 13.28
N VAL K 138 -27.95 -33.85 14.53
CA VAL K 138 -27.13 -32.75 15.02
C VAL K 138 -25.81 -33.28 15.55
N VAL K 139 -25.83 -34.41 16.25
CA VAL K 139 -24.59 -35.05 16.66
C VAL K 139 -23.86 -35.66 15.47
N ASP K 140 -24.56 -35.92 14.37
CA ASP K 140 -23.87 -36.43 13.20
C ASP K 140 -23.36 -35.33 12.28
N ALA K 141 -24.04 -34.19 12.21
CA ALA K 141 -23.44 -33.06 11.49
C ALA K 141 -22.34 -32.41 12.30
N SER K 142 -22.28 -32.66 13.61
CA SER K 142 -21.12 -32.30 14.42
C SER K 142 -20.13 -33.43 14.54
N ASP K 143 -20.23 -34.43 13.67
CA ASP K 143 -19.28 -35.51 13.55
C ASP K 143 -18.46 -35.38 12.28
N LYS K 144 -19.12 -35.22 11.13
CA LYS K 144 -18.42 -34.97 9.88
C LYS K 144 -17.86 -33.57 9.80
N ARG K 145 -18.23 -32.70 10.73
CA ARG K 145 -17.57 -31.42 10.85
C ARG K 145 -16.13 -31.63 11.31
N ALA K 146 -15.20 -30.95 10.66
CA ALA K 146 -13.82 -31.00 11.08
C ALA K 146 -13.65 -30.21 12.36
N SER K 147 -12.93 -30.78 13.33
CA SER K 147 -12.78 -30.13 14.63
C SER K 147 -11.82 -28.95 14.48
N ILE K 148 -12.35 -27.83 14.00
CA ILE K 148 -11.53 -26.68 13.69
C ILE K 148 -11.12 -25.91 14.94
N GLY K 149 -11.83 -26.09 16.04
CA GLY K 149 -11.55 -25.31 17.23
C GLY K 149 -10.24 -25.69 17.89
N THR K 150 -9.85 -26.95 17.79
CA THR K 150 -8.60 -27.34 18.40
C THR K 150 -7.43 -27.28 17.41
N TRP K 151 -7.70 -27.39 16.11
CA TRP K 151 -6.62 -27.20 15.14
C TRP K 151 -6.17 -25.76 15.07
N ALA K 152 -7.01 -24.83 15.46
CA ALA K 152 -6.58 -23.44 15.52
C ALA K 152 -5.85 -23.16 16.82
N THR K 153 -6.41 -23.61 17.94
CA THR K 153 -5.80 -23.37 19.25
C THR K 153 -4.48 -24.11 19.39
N THR K 154 -4.29 -25.20 18.66
CA THR K 154 -2.96 -25.79 18.57
C THR K 154 -2.01 -24.86 17.83
N PHE K 155 -2.47 -24.20 16.78
CA PHE K 155 -1.62 -23.29 16.04
C PHE K 155 -1.73 -21.87 16.54
N PHE K 156 -2.24 -21.68 17.71
CA PHE K 156 -2.30 -20.36 18.32
C PHE K 156 -1.66 -20.34 19.69
N CYS K 157 -1.78 -21.41 20.47
CA CYS K 157 -1.03 -21.53 21.70
C CYS K 157 0.39 -22.01 21.46
N THR K 158 0.76 -22.30 20.21
CA THR K 158 2.14 -22.49 19.84
C THR K 158 2.77 -21.22 19.30
N ILE K 159 2.08 -20.54 18.39
CA ILE K 159 2.66 -19.38 17.71
C ILE K 159 2.81 -18.21 18.69
N ILE K 160 1.98 -18.13 19.72
CA ILE K 160 2.27 -17.18 20.79
C ILE K 160 3.48 -17.64 21.59
N SER K 161 3.42 -18.85 22.14
CA SER K 161 4.47 -19.32 23.04
C SER K 161 5.79 -19.59 22.33
N CYS K 162 5.82 -19.60 21.01
CA CYS K 162 7.09 -19.53 20.32
C CYS K 162 7.54 -18.11 20.05
N ASN K 163 6.62 -17.20 19.71
CA ASN K 163 7.04 -15.82 19.46
C ASN K 163 7.11 -15.00 20.73
N LEU K 164 6.55 -15.48 21.83
CA LEU K 164 6.76 -14.81 23.11
C LEU K 164 8.20 -14.94 23.55
N LEU K 165 8.87 -16.02 23.16
CA LEU K 165 10.28 -16.20 23.49
C LEU K 165 11.18 -15.21 22.75
N GLY K 166 10.67 -14.56 21.71
CA GLY K 166 11.42 -13.49 21.09
C GLY K 166 11.49 -12.22 21.89
N LEU K 167 10.69 -12.10 22.94
CA LEU K 167 10.77 -10.94 23.82
C LEU K 167 11.30 -11.30 25.20
N MET K 168 11.42 -12.58 25.54
CA MET K 168 12.17 -12.94 26.73
C MET K 168 13.64 -12.60 26.51
N PRO K 169 14.35 -12.15 27.54
CA PRO K 169 15.76 -11.81 27.36
C PRO K 169 16.60 -13.05 27.15
N PHE K 170 17.67 -12.86 26.40
CA PHE K 170 18.71 -13.83 26.01
C PHE K 170 18.23 -14.85 25.00
N ASN K 171 16.93 -14.93 24.74
CA ASN K 171 16.37 -16.01 23.96
C ASN K 171 15.97 -15.49 22.59
N GLU K 172 15.92 -16.40 21.63
CA GLU K 172 15.45 -16.04 20.30
C GLU K 172 14.34 -16.99 19.90
N ALA K 173 13.33 -16.42 19.25
CA ALA K 173 12.10 -17.15 18.97
C ALA K 173 12.37 -18.20 17.90
N PRO K 174 11.89 -19.42 18.07
CA PRO K 174 12.20 -20.47 17.10
C PRO K 174 11.47 -20.31 15.78
N THR K 175 10.52 -19.39 15.67
CA THR K 175 9.88 -19.17 14.40
C THR K 175 10.74 -18.37 13.44
N SER K 176 11.90 -17.88 13.86
CA SER K 176 12.75 -17.14 12.94
C SER K 176 13.45 -18.07 11.95
N GLY K 177 13.54 -19.35 12.25
CA GLY K 177 14.06 -20.28 11.28
C GLY K 177 13.02 -20.57 10.21
N LEU K 178 13.49 -20.83 9.00
CA LEU K 178 12.58 -21.21 7.93
C LEU K 178 12.02 -22.62 8.16
N GLY K 179 12.76 -23.46 8.86
CA GLY K 179 12.37 -24.83 9.06
C GLY K 179 11.32 -25.06 10.10
N PHE K 180 10.92 -24.03 10.82
CA PHE K 180 9.82 -24.11 11.77
C PHE K 180 8.63 -23.28 11.36
N ALA K 181 8.87 -22.11 10.78
CA ALA K 181 7.77 -21.21 10.46
C ALA K 181 6.95 -21.71 9.29
N THR K 182 7.60 -22.18 8.24
CA THR K 182 6.87 -22.84 7.17
C THR K 182 6.73 -24.33 7.40
N GLY K 183 7.14 -24.82 8.57
CA GLY K 183 6.71 -26.15 8.99
C GLY K 183 5.28 -26.13 9.47
N LEU K 184 4.81 -24.98 9.93
CA LEU K 184 3.40 -24.77 10.22
C LEU K 184 2.70 -24.03 9.10
N GLY K 185 3.39 -23.74 8.01
CA GLY K 185 2.76 -23.05 6.91
C GLY K 185 2.19 -24.02 5.91
N VAL K 186 2.97 -25.03 5.55
CA VAL K 186 2.47 -26.04 4.63
C VAL K 186 1.46 -26.93 5.34
N SER K 187 1.70 -27.24 6.62
CA SER K 187 0.86 -28.17 7.36
C SER K 187 -0.48 -27.56 7.80
N VAL K 188 -0.80 -26.34 7.42
CA VAL K 188 -2.20 -25.93 7.38
C VAL K 188 -2.76 -26.11 5.98
N TRP K 189 -1.97 -25.75 4.97
CA TRP K 189 -2.37 -26.00 3.60
C TRP K 189 -2.37 -27.49 3.27
N ALA K 190 -1.59 -28.29 3.97
CA ALA K 190 -1.79 -29.73 3.89
C ALA K 190 -3.16 -30.09 4.44
N THR K 191 -3.49 -29.59 5.63
CA THR K 191 -4.73 -29.96 6.31
C THR K 191 -5.96 -29.42 5.58
N ALA K 192 -5.85 -28.26 4.96
CA ALA K 192 -6.95 -27.75 4.16
C ALA K 192 -7.00 -28.37 2.77
N THR K 193 -6.16 -29.34 2.48
CA THR K 193 -6.25 -30.12 1.26
C THR K 193 -6.75 -31.53 1.51
N ILE K 194 -6.36 -32.11 2.66
CA ILE K 194 -6.78 -33.45 3.03
C ILE K 194 -8.29 -33.52 3.22
N LEU K 195 -8.90 -32.44 3.68
CA LEU K 195 -10.36 -32.42 3.75
C LEU K 195 -10.98 -32.39 2.37
N GLY K 196 -10.39 -31.62 1.45
CA GLY K 196 -10.90 -31.60 0.08
C GLY K 196 -10.70 -32.92 -0.63
N LEU K 197 -9.67 -33.67 -0.25
CA LEU K 197 -9.48 -35.02 -0.71
C LEU K 197 -10.20 -36.04 0.16
N SER K 198 -11.18 -35.61 0.93
CA SER K 198 -11.95 -36.56 1.73
C SER K 198 -13.43 -36.37 1.48
N LYS K 199 -13.84 -35.16 1.12
CA LYS K 199 -15.24 -34.92 0.78
C LYS K 199 -15.59 -35.41 -0.62
N THR K 200 -14.60 -35.85 -1.39
CA THR K 200 -14.84 -36.39 -2.72
C THR K 200 -14.66 -37.89 -2.79
N GLY K 201 -14.02 -38.50 -1.79
CA GLY K 201 -13.81 -39.93 -1.77
C GLY K 201 -12.56 -40.42 -2.47
N PHE K 202 -12.11 -39.72 -3.51
CA PHE K 202 -10.93 -40.13 -4.25
C PHE K 202 -9.68 -39.66 -3.53
N LYS K 203 -8.51 -39.94 -4.12
CA LYS K 203 -7.27 -39.43 -3.58
C LYS K 203 -6.65 -38.32 -4.40
N PHE K 204 -6.96 -38.21 -5.69
CA PHE K 204 -6.79 -36.94 -6.39
C PHE K 204 -7.83 -36.80 -7.50
N PRO K 205 -8.77 -35.87 -7.35
CA PRO K 205 -9.47 -35.35 -8.53
C PRO K 205 -8.81 -34.07 -9.04
N GLY K 206 -9.34 -33.51 -10.12
CA GLY K 206 -8.74 -32.35 -10.74
C GLY K 206 -8.87 -32.31 -12.26
N HIS K 207 -9.51 -33.33 -12.83
CA HIS K 207 -9.65 -33.45 -14.28
C HIS K 207 -10.61 -32.38 -14.83
N PHE K 208 -10.72 -32.34 -16.15
CA PHE K 208 -11.44 -31.26 -16.83
C PHE K 208 -12.84 -31.70 -17.23
N ILE K 209 -13.80 -30.79 -17.06
CA ILE K 209 -15.15 -30.95 -17.58
C ILE K 209 -15.27 -30.05 -18.82
N PRO K 210 -15.93 -30.49 -19.87
CA PRO K 210 -15.90 -29.75 -21.14
C PRO K 210 -16.84 -28.55 -21.13
N GLY K 211 -16.79 -27.80 -22.22
CA GLY K 211 -17.64 -26.64 -22.44
C GLY K 211 -17.78 -26.40 -23.93
N GLY K 212 -17.99 -25.15 -24.30
CA GLY K 212 -18.22 -24.82 -25.70
C GLY K 212 -17.22 -23.87 -26.32
N THR K 213 -17.68 -22.67 -26.66
CA THR K 213 -16.83 -21.62 -27.24
C THR K 213 -15.91 -20.97 -26.20
N PRO K 214 -16.34 -20.71 -24.91
CA PRO K 214 -15.34 -20.29 -23.92
C PRO K 214 -14.55 -21.42 -23.28
N TRP K 215 -14.48 -22.61 -23.88
CA TRP K 215 -13.71 -23.71 -23.32
C TRP K 215 -12.18 -23.48 -23.34
N PRO K 216 -11.57 -22.85 -24.36
CA PRO K 216 -10.19 -22.36 -24.16
C PRO K 216 -10.07 -21.23 -23.13
N MET K 217 -11.15 -20.51 -22.84
CA MET K 217 -11.12 -19.51 -21.76
C MET K 217 -11.18 -20.17 -20.39
N ALA K 218 -12.00 -21.21 -20.24
CA ALA K 218 -12.11 -21.95 -18.98
C ALA K 218 -11.00 -22.98 -18.81
N PHE K 219 -10.09 -23.11 -19.77
CA PHE K 219 -8.95 -24.01 -19.59
C PHE K 219 -7.82 -23.33 -18.81
N ILE K 220 -7.71 -22.01 -18.87
CA ILE K 220 -6.60 -21.34 -18.22
C ILE K 220 -6.91 -21.06 -16.75
N PHE K 221 -8.20 -20.96 -16.40
CA PHE K 221 -8.57 -20.39 -15.11
C PHE K 221 -8.45 -21.40 -13.97
N VAL K 222 -8.74 -22.66 -14.22
CA VAL K 222 -8.68 -23.64 -13.13
C VAL K 222 -7.20 -24.00 -12.87
N PRO K 223 -6.32 -24.13 -13.87
CA PRO K 223 -4.88 -24.01 -13.58
C PRO K 223 -4.37 -22.59 -13.43
N LEU K 224 -5.23 -21.58 -13.31
CA LEU K 224 -4.84 -20.38 -12.62
C LEU K 224 -5.33 -20.38 -11.18
N GLU K 225 -6.47 -21.02 -10.92
CA GLU K 225 -6.92 -21.16 -9.55
C GLU K 225 -6.02 -22.11 -8.78
N THR K 226 -5.45 -23.09 -9.48
CA THR K 226 -4.49 -24.01 -8.86
C THR K 226 -3.22 -23.27 -8.41
N ILE K 227 -2.67 -22.41 -9.27
CA ILE K 227 -1.49 -21.64 -8.87
C ILE K 227 -1.86 -20.51 -7.93
N SER K 228 -3.12 -20.14 -7.84
CA SER K 228 -3.58 -19.30 -6.75
C SER K 228 -4.13 -20.10 -5.58
N TYR K 229 -4.13 -21.42 -5.68
CA TYR K 229 -4.33 -22.25 -4.51
C TYR K 229 -3.02 -22.77 -3.97
N THR K 230 -2.04 -22.98 -4.85
CA THR K 230 -0.73 -23.42 -4.40
C THR K 230 -0.03 -22.32 -3.61
N PHE K 231 -0.16 -21.08 -4.06
CA PHE K 231 0.51 -19.98 -3.36
C PHE K 231 -0.28 -19.50 -2.18
N ARG K 232 -1.34 -20.21 -1.80
CA ARG K 232 -1.93 -20.04 -0.49
C ARG K 232 -1.06 -20.66 0.59
N ALA K 233 -0.20 -21.60 0.21
CA ALA K 233 0.67 -22.25 1.18
C ALA K 233 1.84 -21.36 1.57
N VAL K 234 2.62 -20.93 0.56
CA VAL K 234 3.80 -20.12 0.78
C VAL K 234 3.45 -18.81 1.45
N SER K 235 2.32 -18.20 1.09
CA SER K 235 1.81 -17.00 1.72
C SER K 235 1.54 -17.18 3.19
N LEU K 236 1.06 -18.34 3.60
CA LEU K 236 0.75 -18.55 5.00
C LEU K 236 1.99 -18.81 5.82
N GLY K 237 3.02 -19.38 5.22
CA GLY K 237 4.21 -19.68 5.97
C GLY K 237 5.07 -18.46 6.18
N VAL K 238 5.51 -17.85 5.09
CA VAL K 238 6.55 -16.84 5.14
C VAL K 238 6.02 -15.51 5.64
N ARG K 239 5.09 -15.52 5.79
CA ARG K 239 4.57 -14.29 6.39
C ARG K 239 4.94 -14.37 7.87
N LEU K 240 4.80 -15.50 8.50
CA LEU K 240 5.17 -15.68 9.89
C LEU K 240 6.67 -15.71 10.05
N TRP K 241 7.38 -16.17 9.01
CA TRP K 241 8.82 -16.23 9.07
C TRP K 241 9.44 -14.86 8.95
N VAL K 242 8.87 -13.98 8.15
CA VAL K 242 9.53 -12.70 7.97
C VAL K 242 9.34 -11.82 9.20
N ASN K 243 8.10 -11.69 9.68
CA ASN K 243 7.76 -10.78 10.78
C ASN K 243 8.50 -11.05 12.08
N MET K 244 9.07 -12.25 12.22
CA MET K 244 9.98 -12.56 13.29
C MET K 244 11.44 -12.55 12.86
N LEU K 245 11.73 -12.28 11.60
CA LEU K 245 13.09 -12.01 11.19
C LEU K 245 13.24 -10.61 10.63
N ALA K 246 12.14 -9.90 10.38
CA ALA K 246 12.18 -8.52 9.93
C ALA K 246 12.36 -7.57 11.10
N GLY K 247 11.58 -7.75 12.16
CA GLY K 247 11.78 -6.97 13.35
C GLY K 247 12.97 -7.38 14.18
N HIS K 248 13.77 -8.31 13.68
CA HIS K 248 14.93 -8.81 14.38
C HIS K 248 16.22 -8.66 13.60
N THR K 249 16.17 -8.51 12.29
CA THR K 249 17.39 -8.14 11.57
C THR K 249 17.63 -6.64 11.67
N LEU K 250 16.55 -5.85 11.64
CA LEU K 250 16.67 -4.42 11.88
C LEU K 250 17.19 -4.14 13.28
N LEU K 251 16.53 -4.71 14.28
CA LEU K 251 16.79 -4.38 15.68
C LEU K 251 18.21 -4.69 16.11
N HIS K 252 18.91 -5.57 15.39
CA HIS K 252 20.36 -5.61 15.50
C HIS K 252 20.99 -4.28 15.11
N ILE K 253 20.57 -3.71 13.99
CA ILE K 253 21.35 -2.62 13.46
C ILE K 253 20.97 -1.30 14.12
N LEU K 254 19.76 -1.22 14.66
CA LEU K 254 19.46 -0.11 15.56
C LEU K 254 20.30 -0.18 16.82
N THR K 255 20.52 -1.39 17.33
CA THR K 255 21.53 -1.55 18.36
C THR K 255 22.92 -1.37 17.76
N GLY K 256 23.10 -1.81 16.52
CA GLY K 256 24.35 -1.69 15.81
C GLY K 256 24.71 -0.30 15.34
N MET K 257 23.93 0.70 15.69
CA MET K 257 24.32 2.09 15.52
C MET K 257 24.22 2.89 16.79
N ALA K 258 23.24 2.60 17.64
CA ALA K 258 23.03 3.40 18.83
C ALA K 258 24.13 3.23 19.84
N LEU K 259 24.85 2.12 19.76
CA LEU K 259 26.01 1.95 20.62
C LEU K 259 27.16 2.86 20.21
N ALA K 260 27.24 3.23 18.92
CA ALA K 260 28.39 3.96 18.41
C ALA K 260 28.48 5.37 18.97
N LEU K 261 27.39 5.94 19.45
CA LEU K 261 27.44 7.28 20.00
C LEU K 261 28.01 7.28 21.42
N PRO K 262 27.73 6.31 22.30
CA PRO K 262 28.59 6.14 23.47
C PRO K 262 29.85 5.34 23.22
N PHE K 263 30.14 5.00 21.97
CA PHE K 263 31.43 4.39 21.66
C PHE K 263 32.41 5.39 21.09
N SER K 264 32.02 6.09 20.02
CA SER K 264 32.87 7.13 19.48
C SER K 264 32.99 8.31 20.44
N LEU K 265 31.95 8.58 21.22
CA LEU K 265 31.97 9.65 22.20
C LEU K 265 31.88 9.06 23.59
N GLY K 266 32.05 9.91 24.61
CA GLY K 266 32.25 9.42 25.96
C GLY K 266 30.98 8.91 26.60
N PHE K 267 31.17 8.25 27.75
CA PHE K 267 30.04 7.68 28.49
C PHE K 267 29.19 8.76 29.14
N PHE K 268 29.82 9.89 29.49
CA PHE K 268 29.15 11.06 30.04
C PHE K 268 28.35 11.80 28.98
N SER K 269 28.55 11.50 27.70
CA SER K 269 27.97 12.27 26.62
C SER K 269 26.62 11.73 26.18
N MET K 270 25.83 11.18 27.11
CA MET K 270 24.51 10.66 26.77
C MET K 270 23.46 11.74 26.59
N VAL K 271 23.71 12.97 27.03
CA VAL K 271 22.64 13.96 27.06
C VAL K 271 22.14 14.47 25.70
N PRO K 272 22.97 14.71 24.62
CA PRO K 272 22.37 15.36 23.45
C PRO K 272 21.55 14.41 22.59
N ALA K 273 22.07 13.20 22.38
CA ALA K 273 21.51 12.34 21.34
C ALA K 273 21.12 10.96 21.85
N THR K 274 21.89 10.41 22.79
CA THR K 274 21.75 9.00 23.15
C THR K 274 20.42 8.72 23.84
N PHE K 275 20.00 9.61 24.74
CA PHE K 275 18.72 9.44 25.43
C PHE K 275 17.55 9.55 24.48
N GLY K 276 17.69 10.32 23.41
CA GLY K 276 16.65 10.34 22.40
C GLY K 276 16.66 9.12 21.50
N VAL K 277 17.83 8.50 21.32
CA VAL K 277 17.95 7.34 20.44
C VAL K 277 17.66 6.06 21.21
N CYS K 278 18.08 5.98 22.47
CA CYS K 278 17.71 4.85 23.34
C CYS K 278 16.20 4.81 23.60
N CYS K 279 15.52 5.94 23.49
CA CYS K 279 14.06 5.93 23.46
C CYS K 279 13.51 5.52 22.11
N LEU K 280 14.26 5.69 21.03
CA LEU K 280 13.79 5.19 19.74
C LEU K 280 13.91 3.67 19.69
N LEU K 281 15.04 3.13 20.15
CA LEU K 281 15.28 1.69 20.11
C LEU K 281 14.32 0.92 20.99
N SER K 282 14.04 1.44 22.19
CA SER K 282 13.14 0.75 23.08
C SER K 282 11.73 0.74 22.51
N ALA K 283 11.38 1.76 21.74
CA ALA K 283 10.06 1.85 21.15
C ALA K 283 9.88 0.95 19.94
N LEU K 284 10.81 0.04 19.69
CA LEU K 284 10.60 -1.00 18.70
C LEU K 284 10.28 -2.36 19.31
N VAL K 285 10.81 -2.64 20.50
CA VAL K 285 10.37 -3.84 21.19
C VAL K 285 8.95 -3.66 21.69
N GLY K 286 8.55 -2.42 21.97
CA GLY K 286 7.14 -2.13 22.11
C GLY K 286 6.35 -2.39 20.85
N LEU K 287 6.97 -2.14 19.69
CA LEU K 287 6.31 -2.51 18.44
C LEU K 287 6.40 -4.01 18.22
N GLU K 288 7.55 -4.60 18.55
CA GLU K 288 7.75 -6.03 18.30
C GLU K 288 6.88 -6.89 19.22
N TYR K 289 6.56 -6.38 20.41
CA TYR K 289 5.59 -7.06 21.26
C TYR K 289 4.24 -7.14 20.57
N LEU K 290 3.79 -6.02 20.01
CA LEU K 290 2.46 -6.01 19.46
C LEU K 290 2.42 -6.69 18.09
N VAL K 291 3.57 -6.88 17.45
CA VAL K 291 3.57 -7.74 16.27
C VAL K 291 3.54 -9.21 16.69
N ALA K 292 4.23 -9.57 17.77
CA ALA K 292 4.34 -10.97 18.13
C ALA K 292 3.05 -11.52 18.72
N VAL K 293 2.29 -10.70 19.44
CA VAL K 293 1.00 -11.14 19.95
C VAL K 293 0.02 -11.28 18.81
N LEU K 294 0.18 -10.48 17.78
CA LEU K 294 -0.86 -10.36 16.78
C LEU K 294 -0.56 -11.11 15.49
N GLN K 295 0.69 -11.44 15.23
CA GLN K 295 1.02 -12.30 14.09
C GLN K 295 0.40 -13.69 14.25
N SER K 296 0.36 -14.20 15.49
CA SER K 296 -0.34 -15.43 15.77
C SER K 296 -1.83 -15.30 15.52
N GLY K 297 -2.42 -14.21 16.01
CA GLY K 297 -3.85 -13.99 15.83
C GLY K 297 -4.24 -13.77 14.38
N VAL K 298 -3.32 -13.26 13.55
CA VAL K 298 -3.53 -13.28 12.11
C VAL K 298 -3.37 -14.68 11.56
N PHE K 299 -2.30 -15.38 11.96
CA PHE K 299 -1.95 -16.66 11.36
C PHE K 299 -3.00 -17.70 11.61
N SER K 300 -3.63 -17.66 12.78
CA SER K 300 -4.58 -18.71 13.01
C SER K 300 -5.97 -18.36 12.52
N ILE K 301 -6.31 -17.07 12.38
CA ILE K 301 -7.59 -16.74 11.76
C ILE K 301 -7.52 -17.00 10.26
N LEU K 302 -6.32 -16.98 9.68
CA LEU K 302 -6.19 -17.44 8.31
C LEU K 302 -6.36 -18.93 8.23
N SER K 303 -5.92 -19.65 9.25
CA SER K 303 -6.10 -21.09 9.24
C SER K 303 -7.56 -21.46 9.41
N THR K 304 -8.32 -20.64 10.11
CA THR K 304 -9.71 -20.97 10.37
C THR K 304 -10.59 -20.59 9.19
N VAL K 305 -10.17 -19.62 8.38
CA VAL K 305 -10.86 -19.36 7.13
C VAL K 305 -10.51 -20.41 6.08
N TYR K 306 -9.21 -20.75 5.98
CA TYR K 306 -8.76 -21.61 4.89
C TYR K 306 -9.18 -23.05 5.08
N VAL K 307 -9.60 -23.45 6.27
CA VAL K 307 -10.17 -24.77 6.45
C VAL K 307 -11.68 -24.71 6.39
N GLY K 308 -12.28 -23.69 6.98
CA GLY K 308 -13.73 -23.55 7.06
C GLY K 308 -14.49 -23.37 5.76
N GLU K 309 -13.77 -23.35 4.64
CA GLU K 309 -14.38 -23.41 3.33
C GLU K 309 -14.43 -24.82 2.79
N PHE K 310 -14.20 -25.84 3.61
CA PHE K 310 -14.27 -27.21 3.13
C PHE K 310 -15.26 -28.09 3.86
N ASN K 311 -15.65 -27.77 5.09
CA ASN K 311 -16.51 -28.66 5.84
C ASN K 311 -17.98 -28.27 5.71
N HIS K 312 -18.44 -28.14 4.48
CA HIS K 312 -19.86 -27.89 4.23
C HIS K 312 -20.59 -29.23 4.09
N ASP K 313 -21.64 -29.40 4.88
CA ASP K 313 -22.33 -30.67 4.97
C ASP K 313 -23.83 -30.41 4.98
N LYS K 314 -24.59 -31.47 5.28
CA LYS K 314 -26.03 -31.38 5.27
C LYS K 314 -26.59 -32.34 6.30
N PHE K 315 -27.84 -32.10 6.69
CA PHE K 315 -28.52 -32.93 7.66
C PHE K 315 -29.19 -34.09 6.98
N ILE K 316 -29.29 -35.19 7.72
CA ILE K 316 -29.90 -36.40 7.19
C ILE K 316 -31.03 -36.78 8.14
N GLY K 317 -31.77 -35.78 8.64
CA GLY K 317 -33.04 -36.08 9.26
C GLY K 317 -34.35 -35.60 8.65
N PRO K 318 -34.58 -35.70 7.30
CA PRO K 318 -35.92 -35.34 6.81
C PRO K 318 -36.85 -36.54 6.64
N ALA K 319 -36.52 -37.68 7.26
CA ALA K 319 -37.03 -38.97 6.81
C ALA K 319 -38.55 -39.11 6.93
N ALA K 320 -39.16 -38.52 7.96
CA ALA K 320 -40.62 -38.60 8.12
C ALA K 320 -41.05 -37.45 9.03
N LYS K 321 -41.66 -36.42 8.45
CA LYS K 321 -41.84 -35.17 9.19
C LYS K 321 -43.02 -35.26 10.16
N ILE K 322 -44.23 -35.38 9.62
CA ILE K 322 -45.43 -35.13 10.41
C ILE K 322 -45.82 -36.36 11.22
N VAL K 323 -45.39 -37.54 10.81
CA VAL K 323 -45.82 -38.73 11.49
C VAL K 323 -44.79 -39.83 11.33
N TYR L 71 10.93 -24.26 47.74
CA TYR L 71 11.20 -24.79 46.42
C TYR L 71 11.23 -26.31 46.42
N SER L 72 10.23 -26.90 45.78
CA SER L 72 10.07 -28.34 45.76
C SER L 72 11.08 -29.00 44.83
N THR L 73 10.96 -30.32 44.70
CA THR L 73 11.87 -31.07 43.84
C THR L 73 11.60 -30.76 42.38
N GLN L 74 10.32 -30.66 42.02
CA GLN L 74 9.96 -30.39 40.64
C GLN L 74 10.33 -28.98 40.22
N ALA L 75 10.28 -28.03 41.16
CA ALA L 75 10.57 -26.66 40.80
C ALA L 75 12.06 -26.40 40.65
N LYS L 76 12.90 -27.07 41.42
CA LYS L 76 14.33 -26.85 41.30
C LYS L 76 14.87 -27.39 39.98
N ILE L 77 14.26 -28.45 39.46
CA ILE L 77 14.61 -28.91 38.12
C ILE L 77 14.23 -27.86 37.09
N ALA L 78 13.15 -27.13 37.32
CA ALA L 78 12.84 -26.00 36.47
C ALA L 78 13.63 -24.75 36.84
N LEU L 79 14.40 -24.79 37.91
CA LEU L 79 15.22 -23.63 38.23
C LEU L 79 16.50 -23.64 37.40
N PHE L 80 17.36 -24.64 37.60
CA PHE L 80 18.54 -24.77 36.76
C PHE L 80 18.26 -25.56 35.49
N GLY L 81 16.99 -25.75 35.15
CA GLY L 81 16.61 -26.04 33.79
C GLY L 81 16.17 -24.80 33.07
N ALA L 82 16.21 -23.65 33.75
CA ALA L 82 16.02 -22.35 33.13
C ALA L 82 17.06 -21.33 33.57
N LEU L 83 17.93 -21.68 34.52
CA LEU L 83 19.12 -20.87 34.73
C LEU L 83 20.29 -21.43 33.93
N SER L 84 20.41 -22.74 33.84
CA SER L 84 21.45 -23.29 32.97
C SER L 84 21.09 -23.17 31.52
N TRP L 85 19.84 -22.85 31.20
CA TRP L 85 19.55 -22.37 29.86
C TRP L 85 20.17 -21.02 29.63
N ILE L 86 20.11 -20.13 30.62
CA ILE L 86 20.63 -18.78 30.48
C ILE L 86 22.13 -18.80 30.28
N LEU L 87 22.83 -19.55 31.14
CA LEU L 87 24.28 -19.62 31.03
C LEU L 87 24.71 -20.37 29.77
N TYR L 88 23.88 -21.27 29.24
CA TYR L 88 24.19 -21.88 27.95
C TYR L 88 24.03 -20.87 26.83
N ARG L 89 23.14 -19.92 27.00
CA ARG L 89 22.71 -19.04 25.93
C ARG L 89 23.31 -17.66 26.04
N ALA L 90 23.47 -17.12 27.25
CA ALA L 90 24.18 -15.87 27.41
C ALA L 90 25.66 -16.02 27.16
N ASP L 91 26.18 -17.25 27.23
CA ASP L 91 27.49 -17.51 26.70
C ASP L 91 27.46 -17.67 25.19
N GLY L 92 26.34 -18.14 24.65
CA GLY L 92 26.18 -18.23 23.21
C GLY L 92 25.98 -16.89 22.53
N GLN L 93 25.80 -15.82 23.29
CA GLN L 93 25.74 -14.48 22.72
C GLN L 93 27.12 -13.85 22.60
N SER L 94 28.08 -14.25 23.43
CA SER L 94 29.40 -13.67 23.29
C SER L 94 30.23 -14.36 22.23
N LYS L 95 30.05 -15.65 22.04
CA LYS L 95 30.86 -16.37 21.08
C LYS L 95 30.42 -16.14 19.64
N ALA L 96 29.29 -15.48 19.42
CA ALA L 96 28.82 -15.23 18.07
C ALA L 96 29.63 -14.11 17.43
N HIS L 97 29.24 -13.72 16.22
CA HIS L 97 30.01 -12.69 15.53
C HIS L 97 29.68 -11.31 16.07
N GLU L 98 28.45 -10.87 15.86
CA GLU L 98 28.04 -9.58 16.41
C GLU L 98 27.68 -9.80 17.87
N TRP L 99 28.66 -9.62 18.75
CA TRP L 99 28.42 -9.96 20.14
C TRP L 99 27.85 -8.78 20.94
N ILE L 100 28.43 -7.59 20.83
CA ILE L 100 27.93 -6.47 21.62
C ILE L 100 26.68 -5.89 20.97
N VAL L 101 26.46 -6.19 19.69
CA VAL L 101 25.16 -5.98 19.09
C VAL L 101 24.12 -6.85 19.78
N ASP L 102 24.52 -8.05 20.19
CA ASP L 102 23.58 -8.96 20.84
C ASP L 102 23.57 -8.85 22.35
N LEU L 103 24.62 -8.35 23.00
CA LEU L 103 24.53 -8.20 24.45
C LEU L 103 23.66 -7.00 24.82
N ASN L 104 23.82 -5.88 24.11
CA ASN L 104 22.95 -4.73 24.34
C ASN L 104 21.55 -4.97 23.81
N LEU L 105 21.36 -6.00 22.98
CA LEU L 105 20.03 -6.36 22.53
C LEU L 105 19.19 -6.85 23.69
N ASN L 106 19.81 -7.52 24.66
CA ASN L 106 19.07 -8.18 25.72
C ASN L 106 18.87 -7.34 26.97
N VAL L 107 19.71 -6.33 27.21
CA VAL L 107 19.39 -5.39 28.26
C VAL L 107 18.25 -4.49 27.81
N LEU L 108 18.14 -4.28 26.50
CA LEU L 108 17.05 -3.49 25.96
C LEU L 108 15.77 -4.30 25.89
N GLN L 109 15.90 -5.59 25.63
CA GLN L 109 14.73 -6.45 25.48
C GLN L 109 14.09 -6.73 26.82
N ALA L 110 14.88 -6.76 27.88
CA ALA L 110 14.35 -6.89 29.23
C ALA L 110 14.02 -5.56 29.87
N ALA L 111 14.22 -4.46 29.15
CA ALA L 111 13.74 -3.19 29.65
C ALA L 111 12.22 -3.08 29.55
N TRP L 112 11.58 -3.92 28.74
CA TRP L 112 10.12 -3.99 28.72
C TRP L 112 9.57 -5.04 29.64
N LEU L 113 10.38 -6.02 30.04
CA LEU L 113 9.95 -6.88 31.13
C LEU L 113 9.85 -6.11 32.43
N ILE L 114 10.70 -5.10 32.61
CA ILE L 114 10.56 -4.21 33.76
C ILE L 114 9.33 -3.35 33.61
N SER L 115 9.15 -2.74 32.44
CA SER L 115 8.11 -1.75 32.26
C SER L 115 6.72 -2.37 32.23
N PHE L 116 6.60 -3.62 31.76
CA PHE L 116 5.30 -4.28 31.81
C PHE L 116 4.90 -4.68 33.21
N SER L 117 5.86 -4.78 34.12
CA SER L 117 5.51 -5.13 35.48
C SER L 117 4.83 -3.96 36.19
N SER L 118 5.17 -2.73 35.82
CA SER L 118 4.66 -1.57 36.51
C SER L 118 3.80 -0.72 35.60
N LEU L 119 3.17 -1.34 34.61
CA LEU L 119 2.22 -0.63 33.78
C LEU L 119 0.83 -1.24 33.84
N ILE L 120 0.71 -2.55 33.67
CA ILE L 120 -0.61 -3.18 33.58
C ILE L 120 -1.20 -3.32 34.98
N PRO L 121 -2.48 -3.03 35.15
CA PRO L 121 -3.12 -3.25 36.45
C PRO L 121 -3.50 -4.70 36.63
N PHE L 122 -2.76 -5.38 37.51
CA PHE L 122 -2.96 -6.82 37.67
C PHE L 122 -4.29 -7.16 38.34
N ARG L 123 -4.85 -6.23 39.10
CA ARG L 123 -6.18 -6.42 39.66
C ARG L 123 -7.28 -5.97 38.71
N ALA L 124 -6.92 -5.68 37.47
CA ALA L 124 -7.90 -5.39 36.43
C ALA L 124 -7.74 -6.28 35.22
N VAL L 125 -6.57 -6.87 35.02
CA VAL L 125 -6.44 -7.93 34.03
C VAL L 125 -7.03 -9.22 34.58
N TYR L 126 -6.86 -9.46 35.88
CA TYR L 126 -7.37 -10.68 36.49
C TYR L 126 -8.88 -10.73 36.47
N PHE L 127 -9.54 -9.62 36.81
CA PHE L 127 -10.99 -9.59 36.71
C PHE L 127 -11.48 -9.41 35.28
N ALA L 128 -10.59 -9.18 34.33
CA ALA L 128 -10.98 -9.30 32.94
C ALA L 128 -10.95 -10.75 32.51
N PHE L 129 -9.91 -11.49 32.90
CA PHE L 129 -9.86 -12.91 32.61
C PHE L 129 -10.79 -13.71 33.49
N ARG L 130 -11.27 -13.12 34.59
CA ARG L 130 -12.32 -13.76 35.36
C ARG L 130 -13.64 -13.66 34.63
N GLY L 131 -13.80 -12.66 33.78
CA GLY L 131 -14.96 -12.53 32.93
C GLY L 131 -14.83 -13.17 31.58
N MET L 132 -13.70 -13.82 31.32
CA MET L 132 -13.43 -14.39 30.01
C MET L 132 -14.24 -15.66 29.78
N ALA L 133 -14.53 -16.39 30.83
CA ALA L 133 -15.26 -17.64 30.70
C ALA L 133 -16.61 -17.53 31.38
N PRO L 134 -17.68 -18.01 30.75
CA PRO L 134 -19.00 -17.89 31.36
C PRO L 134 -19.21 -18.83 32.52
N ALA L 135 -18.32 -19.79 32.72
CA ALA L 135 -18.50 -20.71 33.84
C ALA L 135 -17.97 -20.14 35.14
N THR L 136 -17.19 -19.07 35.07
CA THR L 136 -16.64 -18.44 36.26
C THR L 136 -17.02 -16.99 36.42
N ALA L 137 -17.45 -16.31 35.35
CA ALA L 137 -17.87 -14.93 35.49
C ALA L 137 -19.20 -14.83 36.20
N SER L 138 -20.25 -15.37 35.60
CA SER L 138 -21.59 -15.31 36.17
C SER L 138 -21.76 -16.40 37.20
N THR L 139 -22.24 -16.03 38.39
CA THR L 139 -22.34 -17.02 39.46
C THR L 139 -23.49 -17.98 39.21
N LEU L 140 -23.48 -19.10 39.96
CA LEU L 140 -24.35 -20.22 39.67
C LEU L 140 -25.79 -19.91 40.05
N ASN L 141 -26.72 -20.50 39.31
CA ASN L 141 -28.14 -20.33 39.61
C ASN L 141 -28.86 -21.65 39.58
N GLY L 142 -28.24 -22.67 40.15
CA GLY L 142 -28.75 -24.02 39.95
C GLY L 142 -30.00 -24.30 40.75
N LEU L 143 -29.96 -24.00 42.04
CA LEU L 143 -31.00 -24.46 42.94
C LEU L 143 -31.38 -23.31 43.84
N LYS L 144 -32.57 -22.77 43.65
CA LYS L 144 -33.07 -21.77 44.58
C LYS L 144 -33.46 -22.46 45.88
N THR L 145 -33.52 -21.67 46.95
CA THR L 145 -33.77 -22.31 48.23
C THR L 145 -35.23 -22.67 48.45
N PHE L 146 -36.14 -22.09 47.68
CA PHE L 146 -37.47 -22.68 47.63
C PHE L 146 -37.43 -23.83 46.64
N SER L 147 -38.47 -24.66 46.70
CA SER L 147 -38.53 -25.97 46.01
C SER L 147 -37.35 -26.84 46.38
N SER L 148 -36.86 -26.68 47.60
CA SER L 148 -35.86 -27.60 48.15
C SER L 148 -36.01 -27.83 49.64
N ILE L 149 -37.04 -27.31 50.29
CA ILE L 149 -37.15 -27.43 51.73
C ILE L 149 -37.91 -28.70 52.06
N SER L 150 -37.79 -29.15 53.30
CA SER L 150 -38.51 -30.33 53.76
C SER L 150 -38.82 -30.16 55.25
N LEU L 151 -40.03 -29.69 55.54
CA LEU L 151 -40.51 -29.62 56.91
C LEU L 151 -42.01 -29.96 56.97
#